data_7B7S
#
_entry.id   7B7S
#
_cell.length_a   70.077
_cell.length_b   164.700
_cell.length_c   73.411
_cell.angle_alpha   90.000
_cell.angle_beta   106.280
_cell.angle_gamma   90.000
#
_symmetry.space_group_name_H-M   'P 1 21 1'
#
loop_
_entity.id
_entity.type
_entity.pdbx_description
1 polymer 'Cyclin-dependent kinase 2'
2 polymer Cyclin-A2
3 non-polymer '7-(3-(trifluoromethyl)-1H-pyrazol-4yl)-3,8,10,11-tetrahydropyrazolo[4,3-f]thiopyrano[3,4-c]quinoline 9-oxide'
4 non-polymer 'NITRATE ION'
5 non-polymer 'SULFATE ION'
6 non-polymer MONOTHIOGLYCEROL
7 water water
#
loop_
_entity_poly.entity_id
_entity_poly.type
_entity_poly.pdbx_seq_one_letter_code
_entity_poly.pdbx_strand_id
1 'polypeptide(L)'
;SMENFQKVEKIGEGTYGVVYKARNKLTGEVVALKKIRLDTETEGVPSTAIREISLLKELNHPNIVKLLDVIHTENKLYLV
FEFLHQDLKKFMDASALTGIPLPLIKSYLFQLLQGLAFCHSHRVLHRDLKPQNLLINTEGAIKLADFGLARAFGVPVRTY
(TPO)HEVVTLWYRAPEILLGCKYYSTAVDIWSLGCIFAEMVTRRALFPGDSEIDQLFRIFRTLGTPDEVVWPGVTSMPD
YKPSFPKWARQDFSKVVPPLDEDGRSLLSQMLHYDPNKRISAKAALAHPFFQDVTKPVPHLRL
;
A,C
2 'polypeptide(L)'
;VPDYHEDIHTYLREMEVKCKPKVGYMKKQPDITNSMRAILVDWLVEVGEEYKLQNETLHLAVNYIDRFLSSMSVLRGKLQ
LVGTAAMLLASKFEEIYPPEVAEFVYITDDTYTKKQVLRMEHLVLKVLTFDLAAPTVNQFLTQYFLHQQPANCKVESLAM
FLGELSLIDADPYLKYLPSVIAGAAFHLALYTVTGQSWPESLIRKTGYTLESLKPCLMDLHQTYLKAPQHAQQSIREKYK
NSKYHGVSLLNPPETLNL
;
B,D
#
loop_
_chem_comp.id
_chem_comp.type
_chem_comp.name
_chem_comp.formula
NO3 non-polymer 'NITRATE ION' 'N O3 -1'
SGM non-polymer MONOTHIOGLYCEROL 'C3 H8 O2 S'
SO4 non-polymer 'SULFATE ION' 'O4 S -2'
T1T non-polymer '7-(3-(trifluoromethyl)-1H-pyrazol-4yl)-3,8,10,11-tetrahydropyrazolo[4,3-f]thiopyrano[3,4-c]quinoline 9-oxide' 'C17 H12 F3 N5 O S'
#
# COMPACT_ATOMS: atom_id res chain seq x y z
N MET A 2 17.25 9.48 2.91
CA MET A 2 18.71 9.34 2.62
C MET A 2 19.44 10.60 3.12
N GLU A 3 19.23 11.73 2.44
CA GLU A 3 19.93 13.02 2.74
C GLU A 3 19.12 13.84 3.73
N ASN A 4 17.86 13.46 3.96
CA ASN A 4 16.91 14.13 4.90
C ASN A 4 17.40 14.06 6.35
N PHE A 5 18.22 13.04 6.70
CA PHE A 5 18.60 12.72 8.09
C PHE A 5 19.96 13.33 8.39
N GLN A 6 20.00 14.15 9.45
CA GLN A 6 21.24 14.76 10.01
C GLN A 6 21.55 14.06 11.34
N LYS A 7 22.68 13.32 11.40
CA LYS A 7 23.10 12.55 12.61
C LYS A 7 23.47 13.51 13.76
N VAL A 8 22.81 13.37 14.90
CA VAL A 8 23.08 14.14 16.16
C VAL A 8 24.25 13.47 16.92
N GLU A 9 24.11 12.18 17.26
CA GLU A 9 25.09 11.42 18.09
C GLU A 9 25.10 9.95 17.66
N LYS A 10 26.20 9.24 17.93
CA LYS A 10 26.26 7.76 17.93
C LYS A 10 25.77 7.23 19.28
N ILE A 11 24.72 6.41 19.28
CA ILE A 11 24.12 5.89 20.55
C ILE A 11 24.17 4.36 20.67
N GLY A 12 25.26 3.72 20.28
CA GLY A 12 25.42 2.26 20.47
C GLY A 12 25.82 1.53 19.20
N GLU A 13 26.15 0.24 19.37
CA GLU A 13 26.75 -0.62 18.32
C GLU A 13 26.51 -2.13 18.51
N GLY A 14 26.15 -2.82 17.42
CA GLY A 14 25.94 -4.28 17.35
C GLY A 14 25.55 -4.70 15.95
N THR A 15 25.30 -6.00 15.75
CA THR A 15 24.81 -6.63 14.49
C THR A 15 25.75 -6.20 13.35
N VAL A 18 25.96 -0.38 13.94
CA VAL A 18 26.00 0.95 14.65
C VAL A 18 24.58 1.54 14.64
N VAL A 19 24.19 2.19 15.75
CA VAL A 19 22.92 2.98 15.84
C VAL A 19 23.23 4.47 16.10
N TYR A 20 22.71 5.37 15.26
CA TYR A 20 22.77 6.85 15.44
C TYR A 20 21.41 7.40 15.88
N LYS A 21 21.44 8.42 16.74
CA LYS A 21 20.34 9.41 16.92
C LYS A 21 20.41 10.39 15.75
N ALA A 22 19.29 10.66 15.11
CA ALA A 22 19.25 11.57 13.95
C ALA A 22 17.99 12.41 14.01
N ARG A 23 17.96 13.45 13.15
CA ARG A 23 16.76 14.30 12.93
C ARG A 23 16.48 14.34 11.42
N ASN A 24 15.21 14.19 11.07
CA ASN A 24 14.62 14.53 9.74
C ASN A 24 14.69 16.06 9.49
N LYS A 25 15.48 16.48 8.48
CA LYS A 25 15.81 17.91 8.26
C LYS A 25 14.58 18.68 7.75
N LEU A 26 13.56 17.99 7.22
CA LEU A 26 12.36 18.62 6.63
C LEU A 26 11.18 18.60 7.62
N THR A 27 11.05 17.57 8.44
CA THR A 27 9.91 17.43 9.41
C THR A 27 10.37 17.69 10.86
N GLY A 28 11.68 17.61 11.14
CA GLY A 28 12.27 17.91 12.46
C GLY A 28 12.26 16.70 13.39
N GLU A 29 11.57 15.62 12.99
CA GLU A 29 11.37 14.34 13.74
C GLU A 29 12.72 13.73 14.10
N VAL A 30 12.85 13.33 15.37
CA VAL A 30 14.04 12.64 15.95
C VAL A 30 13.85 11.14 15.76
N VAL A 31 14.90 10.46 15.31
CA VAL A 31 14.82 8.99 15.04
C VAL A 31 16.09 8.31 15.51
N ALA A 32 16.02 6.98 15.61
CA ALA A 32 17.16 6.03 15.72
C ALA A 32 17.39 5.36 14.34
N LEU A 33 18.60 5.55 13.81
CA LEU A 33 19.09 4.91 12.58
C LEU A 33 19.97 3.73 13.03
N LYS A 34 19.51 2.50 12.78
CA LYS A 34 20.32 1.25 12.86
C LYS A 34 20.99 0.98 11.50
N LYS A 35 22.29 1.25 11.40
CA LYS A 35 23.07 1.02 10.15
C LYS A 35 23.44 -0.45 10.13
N ILE A 36 23.19 -1.15 9.02
CA ILE A 36 23.48 -2.60 8.78
C ILE A 36 24.38 -2.70 7.54
N ARG A 37 25.63 -3.14 7.73
CA ARG A 37 26.60 -3.28 6.62
C ARG A 37 26.42 -4.65 5.94
N LEU A 38 26.47 -4.69 4.61
CA LEU A 38 26.36 -5.95 3.82
C LEU A 38 27.78 -6.44 3.48
N ASP A 39 28.55 -5.58 2.80
CA ASP A 39 29.89 -5.95 2.21
C ASP A 39 30.99 -5.29 3.05
N THR A 42 28.84 -9.69 1.32
CA THR A 42 29.22 -10.93 0.58
C THR A 42 28.09 -11.98 0.57
N GLU A 43 27.31 -12.06 1.66
CA GLU A 43 26.26 -13.10 1.89
C GLU A 43 24.85 -12.57 1.59
N GLY A 44 24.73 -11.34 1.09
CA GLY A 44 23.44 -10.68 0.79
C GLY A 44 22.95 -9.82 1.95
N VAL A 45 21.62 -9.77 2.13
CA VAL A 45 20.95 -9.06 3.25
C VAL A 45 20.95 -9.99 4.45
N PRO A 46 21.54 -9.60 5.62
CA PRO A 46 21.67 -10.52 6.76
C PRO A 46 20.32 -11.00 7.30
N SER A 47 20.31 -12.23 7.80
CA SER A 47 19.12 -12.98 8.30
C SER A 47 18.48 -12.25 9.48
N THR A 48 19.29 -11.51 10.26
CA THR A 48 18.85 -10.70 11.43
C THR A 48 17.95 -9.55 10.95
N ALA A 49 18.37 -8.79 9.93
CA ALA A 49 17.59 -7.66 9.34
C ALA A 49 16.30 -8.16 8.67
N ILE A 50 16.40 -9.27 7.93
CA ILE A 50 15.25 -9.92 7.20
C ILE A 50 14.14 -10.21 8.22
N ARG A 51 14.54 -10.86 9.32
CA ARG A 51 13.66 -11.26 10.46
C ARG A 51 13.20 -10.04 11.27
N GLU A 52 14.09 -9.12 11.62
CA GLU A 52 13.70 -7.94 12.46
C GLU A 52 12.65 -7.11 11.72
N ILE A 53 12.88 -6.85 10.43
CA ILE A 53 11.98 -6.00 9.61
C ILE A 53 10.63 -6.71 9.45
N SER A 54 10.62 -7.99 9.04
CA SER A 54 9.35 -8.68 8.64
C SER A 54 8.45 -8.80 9.86
N LEU A 55 9.07 -9.01 11.01
CA LEU A 55 8.34 -9.32 12.26
C LEU A 55 7.79 -8.02 12.88
N LEU A 56 8.60 -6.95 12.90
CA LEU A 56 8.21 -5.65 13.52
C LEU A 56 7.06 -5.03 12.76
N LYS A 57 6.98 -5.31 11.45
CA LYS A 57 5.89 -4.76 10.57
C LYS A 57 4.55 -5.39 10.95
N GLU A 58 4.54 -6.57 11.57
CA GLU A 58 3.30 -7.29 12.01
C GLU A 58 3.02 -6.98 13.50
N LEU A 59 3.88 -6.21 14.16
CA LEU A 59 3.87 -6.05 15.65
C LEU A 59 3.64 -4.57 16.02
N ASN A 60 2.41 -4.08 15.82
CA ASN A 60 2.06 -2.67 16.17
C ASN A 60 1.41 -2.63 17.56
N HIS A 61 2.19 -2.26 18.57
CA HIS A 61 1.74 -2.19 19.99
C HIS A 61 2.33 -0.94 20.62
N PRO A 62 1.61 -0.26 21.54
CA PRO A 62 2.19 0.84 22.31
C PRO A 62 3.49 0.45 23.01
N ASN A 63 3.58 -0.79 23.49
CA ASN A 63 4.74 -1.35 24.24
C ASN A 63 5.72 -2.13 23.36
N ILE A 64 5.61 -2.09 22.01
CA ILE A 64 6.68 -2.61 21.09
C ILE A 64 7.23 -1.44 20.30
N VAL A 65 8.56 -1.29 20.20
CA VAL A 65 9.22 -0.16 19.46
C VAL A 65 8.71 -0.11 18.01
N LYS A 66 8.37 1.10 17.53
CA LYS A 66 7.81 1.30 16.16
C LYS A 66 8.94 1.45 15.15
N LEU A 67 8.93 0.63 14.10
CA LEU A 67 9.75 0.79 12.87
C LEU A 67 9.03 1.77 11.97
N LEU A 68 9.72 2.82 11.53
CA LEU A 68 9.13 3.98 10.80
C LEU A 68 9.47 3.84 9.31
N ASP A 69 10.57 3.18 8.97
CA ASP A 69 11.02 3.08 7.56
C ASP A 69 12.20 2.08 7.41
N VAL A 70 12.52 1.74 6.16
CA VAL A 70 13.71 0.93 5.77
C VAL A 70 14.35 1.63 4.57
N ILE A 71 15.67 1.58 4.43
CA ILE A 71 16.40 2.33 3.35
C ILE A 71 17.55 1.46 2.83
N HIS A 72 17.63 1.15 1.51
CA HIS A 72 18.87 0.56 0.91
C HIS A 72 19.74 1.61 0.19
N ASN A 75 26.57 0.53 -0.14
CA ASN A 75 25.35 -0.33 -0.11
C ASN A 75 25.11 -0.77 1.32
N LYS A 76 24.70 0.15 2.20
CA LYS A 76 24.30 -0.15 3.60
C LYS A 76 22.77 -0.22 3.65
N LEU A 77 22.22 -0.83 4.71
CA LEU A 77 20.76 -0.85 5.00
C LEU A 77 20.51 -0.12 6.32
N TYR A 78 19.57 0.84 6.34
CA TYR A 78 19.18 1.65 7.52
C TYR A 78 17.75 1.26 7.95
N LEU A 79 17.59 0.89 9.21
CA LEU A 79 16.26 0.75 9.86
C LEU A 79 15.97 2.08 10.57
N VAL A 80 14.80 2.67 10.36
CA VAL A 80 14.39 3.94 11.00
C VAL A 80 13.34 3.58 12.04
N PHE A 81 13.63 3.87 13.31
CA PHE A 81 12.75 3.62 14.46
C PHE A 81 12.42 4.95 15.14
N GLU A 82 11.26 5.03 15.81
CA GLU A 82 10.98 6.08 16.82
C GLU A 82 12.14 6.11 17.82
N PHE A 83 12.41 7.31 18.36
CA PHE A 83 13.49 7.55 19.35
C PHE A 83 12.86 7.52 20.75
N LEU A 84 13.57 6.85 21.66
CA LEU A 84 13.42 6.93 23.13
C LEU A 84 14.82 7.19 23.72
N HIS A 85 14.91 8.09 24.71
CA HIS A 85 16.19 8.69 25.18
C HIS A 85 16.96 7.71 26.05
N GLN A 86 16.31 6.65 26.53
CA GLN A 86 16.78 5.77 27.65
C GLN A 86 16.55 4.28 27.35
N ASP A 87 17.52 3.41 27.72
CA ASP A 87 17.35 1.93 27.81
C ASP A 87 17.26 1.58 29.30
N LEU A 88 16.68 0.43 29.66
CA LEU A 88 16.36 0.10 31.07
C LEU A 88 17.64 -0.23 31.85
N LYS A 89 18.76 -0.52 31.18
CA LYS A 89 20.06 -0.75 31.87
C LYS A 89 20.59 0.58 32.36
N LYS A 90 20.73 1.61 31.50
CA LYS A 90 21.19 2.98 31.90
C LYS A 90 20.32 3.53 33.04
N PHE A 91 19.03 3.20 33.06
CA PHE A 91 18.06 3.60 34.10
C PHE A 91 18.32 2.87 35.42
N MET A 92 18.57 1.57 35.37
CA MET A 92 18.94 0.77 36.56
C MET A 92 20.27 1.27 37.13
N ASP A 93 21.27 1.52 36.28
CA ASP A 93 22.63 2.01 36.69
C ASP A 93 22.54 3.46 37.20
N ALA A 94 21.38 4.13 37.08
CA ALA A 94 21.14 5.50 37.54
C ALA A 94 20.31 5.47 38.81
N SER A 95 19.54 4.39 39.03
CA SER A 95 18.70 4.22 40.25
C SER A 95 19.40 3.27 41.23
N ALA A 96 20.67 2.93 40.97
CA ALA A 96 21.39 1.86 41.71
C ALA A 96 21.29 2.17 43.21
N LEU A 97 21.64 3.40 43.56
CA LEU A 97 21.78 3.88 44.96
C LEU A 97 20.38 4.00 45.57
N THR A 98 19.52 4.84 44.99
CA THR A 98 18.15 5.18 45.53
C THR A 98 17.17 3.98 45.43
N GLY A 99 17.26 3.20 44.35
CA GLY A 99 16.29 2.14 44.03
C GLY A 99 15.16 2.67 43.17
N ILE A 100 14.60 1.83 42.31
CA ILE A 100 13.43 2.15 41.46
C ILE A 100 12.18 2.03 42.34
N PRO A 101 11.24 2.99 42.29
CA PRO A 101 9.99 2.91 43.07
C PRO A 101 9.14 1.68 42.78
N LEU A 102 8.51 1.12 43.79
CA LEU A 102 7.62 -0.07 43.65
C LEU A 102 6.62 0.11 42.51
N PRO A 103 5.70 1.11 42.58
CA PRO A 103 4.68 1.29 41.54
C PRO A 103 5.17 1.64 40.14
N LEU A 104 6.46 1.98 39.95
CA LEU A 104 7.12 2.12 38.61
C LEU A 104 7.60 0.73 38.10
N ILE A 105 8.13 -0.10 39.01
CA ILE A 105 8.50 -1.51 38.73
C ILE A 105 7.22 -2.20 38.29
N LYS A 106 6.10 -1.99 39.02
CA LYS A 106 4.79 -2.59 38.65
C LYS A 106 4.31 -2.09 37.28
N SER A 107 4.33 -0.79 37.04
CA SER A 107 3.98 -0.22 35.71
C SER A 107 4.85 -0.85 34.62
N TYR A 108 6.18 -0.78 34.77
CA TYR A 108 7.16 -1.28 33.78
C TYR A 108 6.89 -2.77 33.55
N LEU A 109 6.85 -3.57 34.60
CA LEU A 109 6.60 -5.01 34.35
C LEU A 109 5.31 -5.12 33.52
N PHE A 110 4.20 -4.59 34.05
CA PHE A 110 2.86 -4.69 33.44
C PHE A 110 2.95 -4.40 31.93
N GLN A 111 3.73 -3.38 31.55
CA GLN A 111 3.86 -2.93 30.14
C GLN A 111 4.65 -3.96 29.33
N LEU A 112 5.72 -4.53 29.88
CA LEU A 112 6.57 -5.54 29.17
C LEU A 112 5.73 -6.78 28.92
N LEU A 113 4.96 -7.23 29.91
CA LEU A 113 4.06 -8.40 29.76
C LEU A 113 3.03 -8.14 28.66
N GLN A 114 2.59 -6.90 28.53
CA GLN A 114 1.56 -6.49 27.55
C GLN A 114 2.10 -6.61 26.11
N GLY A 115 3.29 -6.07 25.87
CA GLY A 115 3.96 -6.19 24.57
C GLY A 115 4.24 -7.65 24.30
N LEU A 116 4.83 -8.35 25.25
CA LEU A 116 5.18 -9.78 25.12
C LEU A 116 3.93 -10.61 24.82
N ALA A 117 2.79 -10.36 25.47
CA ALA A 117 1.52 -11.09 25.21
C ALA A 117 1.15 -10.90 23.73
N PHE A 118 1.12 -9.65 23.27
CA PHE A 118 0.94 -9.31 21.84
C PHE A 118 1.96 -10.07 20.96
N CYS A 119 3.25 -10.03 21.27
CA CYS A 119 4.27 -10.74 20.50
C CYS A 119 3.83 -12.19 20.33
N HIS A 120 3.65 -12.87 21.46
CA HIS A 120 3.42 -14.35 21.53
C HIS A 120 2.13 -14.70 20.76
N SER A 121 1.10 -13.87 20.89
CA SER A 121 -0.23 -14.09 20.28
C SER A 121 -0.13 -13.83 18.78
N HIS A 122 0.96 -13.22 18.32
CA HIS A 122 1.32 -13.06 16.88
C HIS A 122 2.46 -14.02 16.53
N ARG A 123 2.54 -15.15 17.22
CA ARG A 123 3.47 -16.29 16.98
C ARG A 123 4.92 -15.77 16.79
N VAL A 124 5.35 -14.82 17.62
CA VAL A 124 6.76 -14.30 17.59
C VAL A 124 7.45 -14.52 18.94
N LEU A 125 8.63 -15.11 18.92
CA LEU A 125 9.54 -15.21 20.08
C LEU A 125 10.57 -14.08 19.94
N HIS A 126 10.89 -13.40 21.07
CA HIS A 126 11.92 -12.34 21.12
C HIS A 126 13.32 -12.96 21.17
N ARG A 127 13.56 -13.77 22.22
CA ARG A 127 14.78 -14.60 22.38
C ARG A 127 15.98 -13.71 22.68
N ASP A 128 15.75 -12.53 23.26
CA ASP A 128 16.87 -11.64 23.68
C ASP A 128 16.36 -10.60 24.68
N LEU A 129 15.34 -10.96 25.48
CA LEU A 129 14.85 -9.96 26.45
C LEU A 129 15.93 -9.75 27.52
N LYS A 130 16.57 -8.59 27.49
CA LYS A 130 17.47 -8.09 28.56
C LYS A 130 17.32 -6.59 28.67
N PRO A 131 17.66 -5.96 29.79
CA PRO A 131 17.44 -4.53 29.94
C PRO A 131 17.95 -3.62 28.80
N GLN A 132 19.14 -3.92 28.25
N GLN A 132 19.13 -3.91 28.25
CA GLN A 132 19.83 -3.08 27.23
CA GLN A 132 19.80 -3.01 27.25
C GLN A 132 18.98 -3.02 25.96
C GLN A 132 18.98 -3.01 25.96
N ASN A 133 17.99 -3.91 25.83
CA ASN A 133 17.11 -4.04 24.63
C ASN A 133 15.72 -3.57 25.02
N LEU A 134 15.53 -3.07 26.23
CA LEU A 134 14.23 -2.45 26.59
C LEU A 134 14.41 -0.94 26.77
N LEU A 135 13.61 -0.15 26.03
CA LEU A 135 13.75 1.32 25.81
C LEU A 135 12.65 2.06 26.57
N ILE A 136 12.98 3.23 27.14
CA ILE A 136 12.08 4.07 27.98
C ILE A 136 12.02 5.51 27.42
N ASN A 137 10.83 6.13 27.49
CA ASN A 137 10.58 7.56 27.12
C ASN A 137 10.42 8.37 28.43
N THR A 138 9.95 9.63 28.33
CA THR A 138 9.83 10.61 29.44
C THR A 138 8.41 10.56 30.04
N GLU A 139 7.40 10.15 29.27
CA GLU A 139 5.99 9.96 29.74
C GLU A 139 5.85 8.67 30.57
N GLY A 140 6.87 7.80 30.56
CA GLY A 140 7.00 6.65 31.48
C GLY A 140 6.59 5.33 30.86
N ALA A 141 6.80 5.23 29.55
CA ALA A 141 6.47 4.05 28.74
C ALA A 141 7.75 3.22 28.58
N ILE A 142 7.61 1.90 28.55
CA ILE A 142 8.73 0.97 28.24
C ILE A 142 8.33 0.11 27.01
N LYS A 143 9.31 -0.29 26.17
CA LYS A 143 9.01 -0.94 24.86
C LYS A 143 10.03 -2.01 24.51
N LEU A 144 9.56 -3.17 24.03
CA LEU A 144 10.44 -4.26 23.56
C LEU A 144 11.20 -3.75 22.35
N ALA A 145 12.52 -3.92 22.31
CA ALA A 145 13.44 -3.53 21.21
C ALA A 145 14.43 -4.67 20.90
N ASP A 146 15.15 -4.51 19.79
CA ASP A 146 16.09 -5.47 19.18
C ASP A 146 15.40 -6.80 18.92
N PHE A 147 14.72 -6.93 17.77
CA PHE A 147 14.01 -8.15 17.29
C PHE A 147 14.87 -8.93 16.28
N GLY A 148 16.14 -8.56 16.11
CA GLY A 148 17.15 -9.31 15.31
C GLY A 148 17.37 -10.79 15.75
N LEU A 149 17.14 -11.13 17.02
CA LEU A 149 17.30 -12.52 17.46
C LEU A 149 15.92 -13.20 17.61
N ALA A 150 14.88 -12.60 17.03
CA ALA A 150 13.49 -13.07 17.11
C ALA A 150 13.21 -14.14 16.04
N ARG A 151 11.99 -14.67 16.11
CA ARG A 151 11.55 -15.70 15.17
C ARG A 151 10.05 -15.97 15.23
N ALA A 152 9.42 -16.07 14.07
CA ALA A 152 8.05 -16.61 13.95
C ALA A 152 8.14 -18.12 14.28
N PHE A 153 7.18 -18.66 15.00
CA PHE A 153 7.23 -20.03 15.56
C PHE A 153 5.94 -20.71 15.14
N GLY A 154 5.89 -22.05 15.14
CA GLY A 154 4.70 -22.81 14.75
C GLY A 154 4.01 -23.42 15.95
N VAL A 155 2.86 -24.04 15.72
CA VAL A 155 2.09 -24.81 16.74
C VAL A 155 1.89 -26.26 16.24
N PRO A 156 2.47 -27.30 16.91
CA PRO A 156 3.39 -27.12 18.03
C PRO A 156 4.73 -26.61 17.46
N VAL A 157 5.63 -26.10 18.28
CA VAL A 157 6.99 -25.67 17.83
C VAL A 157 7.73 -26.87 17.23
N ARG A 158 8.67 -26.59 16.32
CA ARG A 158 9.74 -27.54 15.95
C ARG A 158 11.05 -27.03 16.57
N THR A 159 12.13 -27.83 16.51
CA THR A 159 13.49 -27.50 17.01
C THR A 159 14.00 -26.21 16.33
N TYR A 160 14.43 -25.22 17.14
CA TYR A 160 14.99 -23.92 16.66
C TYR A 160 16.42 -23.73 17.19
N TPO A 161 17.12 -22.71 16.69
CA TPO A 161 18.49 -22.43 17.09
CB TPO A 161 18.87 -21.01 16.61
CG2 TPO A 161 20.36 -20.74 16.70
OG1 TPO A 161 18.49 -20.89 15.21
P TPO A 161 17.56 -19.68 14.70
O1P TPO A 161 17.66 -19.73 13.19
O2P TPO A 161 16.15 -20.05 15.18
O3P TPO A 161 18.16 -18.40 15.36
C TPO A 161 18.69 -22.64 18.61
O TPO A 161 17.90 -22.15 19.41
N HIS A 162 19.77 -23.35 18.96
CA HIS A 162 20.22 -23.58 20.34
C HIS A 162 20.77 -22.29 21.01
N GLU A 163 21.63 -21.55 20.33
CA GLU A 163 22.30 -20.34 20.89
C GLU A 163 21.34 -19.15 20.86
N VAL A 164 20.45 -19.09 21.85
CA VAL A 164 19.45 -17.99 21.96
C VAL A 164 19.45 -17.49 23.42
N VAL A 165 19.19 -16.19 23.56
CA VAL A 165 19.03 -15.39 24.81
C VAL A 165 20.40 -15.17 25.43
N THR A 166 20.67 -13.97 25.93
CA THR A 166 21.89 -13.64 26.72
C THR A 166 21.99 -14.49 28.00
N LEU A 167 23.18 -15.01 28.30
CA LEU A 167 23.37 -16.07 29.34
C LEU A 167 22.62 -15.70 30.62
N TRP A 168 22.78 -14.50 31.13
CA TRP A 168 22.19 -14.08 32.44
C TRP A 168 20.66 -14.27 32.50
N TYR A 169 20.00 -14.28 31.34
CA TYR A 169 18.53 -14.34 31.17
C TYR A 169 18.13 -15.64 30.48
N ARG A 170 19.09 -16.54 30.24
CA ARG A 170 18.85 -17.80 29.51
C ARG A 170 18.08 -18.76 30.42
N ALA A 171 17.02 -19.38 29.86
CA ALA A 171 16.08 -20.29 30.56
C ALA A 171 16.66 -21.71 30.64
N PRO A 172 16.38 -22.47 31.72
CA PRO A 172 17.15 -23.66 32.06
C PRO A 172 17.02 -24.76 31.02
N GLU A 173 15.84 -24.84 30.40
CA GLU A 173 15.54 -25.82 29.32
C GLU A 173 16.45 -25.55 28.11
N ILE A 174 17.05 -24.36 27.99
CA ILE A 174 18.01 -24.09 26.87
C ILE A 174 19.38 -24.58 27.30
N LEU A 175 19.78 -24.26 28.51
CA LEU A 175 21.07 -24.66 29.12
C LEU A 175 21.18 -26.19 29.18
N LEU A 176 20.09 -26.89 29.51
CA LEU A 176 20.02 -28.37 29.57
C LEU A 176 19.79 -28.94 28.17
N GLY A 177 19.60 -28.06 27.18
CA GLY A 177 19.52 -28.40 25.74
C GLY A 177 18.30 -29.25 25.41
N CYS A 178 17.10 -28.89 25.88
CA CYS A 178 15.81 -29.52 25.44
C CYS A 178 15.73 -29.36 23.92
N LYS A 179 15.27 -30.39 23.21
CA LYS A 179 15.06 -30.37 21.73
C LYS A 179 14.07 -29.22 21.37
N TYR A 180 13.03 -29.04 22.18
CA TYR A 180 11.94 -28.05 21.99
C TYR A 180 12.03 -26.95 23.05
N TYR A 181 11.87 -25.70 22.64
CA TYR A 181 11.63 -24.55 23.53
C TYR A 181 10.67 -23.61 22.82
N SER A 182 10.00 -22.76 23.60
CA SER A 182 8.95 -21.84 23.09
C SER A 182 8.83 -20.51 23.87
N THR A 183 7.59 -20.11 24.19
CA THR A 183 7.23 -18.80 24.79
C THR A 183 7.76 -18.68 26.23
N ALA A 184 7.84 -19.78 26.94
CA ALA A 184 8.30 -19.80 28.34
C ALA A 184 9.64 -19.10 28.41
N VAL A 185 10.51 -19.27 27.40
CA VAL A 185 11.94 -18.87 27.54
C VAL A 185 12.02 -17.35 27.70
N ASP A 186 11.03 -16.62 27.15
CA ASP A 186 10.86 -15.14 27.22
C ASP A 186 10.28 -14.74 28.59
N ILE A 187 9.31 -15.48 29.10
CA ILE A 187 8.80 -15.30 30.48
C ILE A 187 9.95 -15.45 31.49
N TRP A 188 10.73 -16.52 31.43
CA TRP A 188 11.97 -16.64 32.23
C TRP A 188 12.68 -15.28 32.16
N SER A 189 13.06 -14.84 30.97
CA SER A 189 13.92 -13.64 30.84
C SER A 189 13.37 -12.51 31.74
N LEU A 190 12.04 -12.27 31.68
CA LEU A 190 11.38 -11.14 32.38
C LEU A 190 11.43 -11.36 33.90
N GLY A 191 11.27 -12.62 34.32
CA GLY A 191 11.44 -12.97 35.73
C GLY A 191 12.78 -12.43 36.19
N CYS A 192 13.82 -12.75 35.42
CA CYS A 192 15.22 -12.39 35.71
C CYS A 192 15.37 -10.87 35.73
N ILE A 193 14.60 -10.20 34.84
CA ILE A 193 14.52 -8.72 34.81
C ILE A 193 13.71 -8.19 36.04
N PHE A 194 12.51 -8.71 36.30
CA PHE A 194 11.62 -8.25 37.39
C PHE A 194 12.46 -8.17 38.66
N ALA A 195 13.13 -9.28 38.98
CA ALA A 195 14.04 -9.42 40.14
C ALA A 195 15.15 -8.36 40.07
N GLU A 196 15.69 -8.08 38.87
CA GLU A 196 16.86 -7.16 38.70
C GLU A 196 16.41 -5.70 38.93
N MET A 197 15.13 -5.40 38.81
CA MET A 197 14.59 -4.05 39.16
C MET A 197 14.36 -3.97 40.68
N VAL A 198 13.78 -5.03 41.28
CA VAL A 198 13.40 -5.10 42.73
C VAL A 198 14.67 -4.93 43.57
N THR A 199 15.76 -5.58 43.20
CA THR A 199 16.99 -5.69 44.02
C THR A 199 18.17 -5.05 43.31
N ARG A 200 17.94 -4.30 42.24
CA ARG A 200 18.99 -3.45 41.63
C ARG A 200 20.30 -4.25 41.40
N ARG A 201 20.16 -5.56 41.17
CA ARG A 201 21.29 -6.52 40.89
C ARG A 201 20.80 -7.65 39.97
N ALA A 202 21.65 -8.02 39.01
CA ALA A 202 21.44 -9.20 38.13
C ALA A 202 21.12 -10.41 39.00
N LEU A 203 20.00 -11.10 38.76
CA LEU A 203 19.61 -12.25 39.61
C LEU A 203 20.60 -13.42 39.42
N PHE A 204 21.00 -13.76 38.20
CA PHE A 204 21.79 -15.00 37.86
C PHE A 204 23.00 -14.66 36.98
N PRO A 205 24.01 -13.91 37.49
CA PRO A 205 25.12 -13.43 36.66
C PRO A 205 26.28 -14.41 36.40
N GLY A 206 25.97 -15.53 35.75
CA GLY A 206 26.91 -16.63 35.49
C GLY A 206 27.88 -16.29 34.38
N ASP A 207 29.09 -16.85 34.44
CA ASP A 207 30.17 -16.60 33.45
C ASP A 207 30.15 -17.72 32.41
N SER A 208 29.52 -18.84 32.73
CA SER A 208 29.49 -20.04 31.86
C SER A 208 28.10 -20.66 31.88
N GLU A 209 27.84 -21.52 30.89
CA GLU A 209 26.60 -22.35 30.80
C GLU A 209 26.48 -23.20 32.08
N ILE A 210 27.60 -23.68 32.59
CA ILE A 210 27.60 -24.51 33.83
C ILE A 210 27.33 -23.59 35.02
N ASP A 211 28.03 -22.46 35.12
CA ASP A 211 27.89 -21.53 36.27
C ASP A 211 26.45 -21.03 36.33
N GLN A 212 25.91 -20.64 35.17
CA GLN A 212 24.54 -20.09 35.03
C GLN A 212 23.55 -21.10 35.61
N LEU A 213 23.62 -22.34 35.19
CA LEU A 213 22.77 -23.43 35.71
C LEU A 213 22.89 -23.42 37.24
N PHE A 214 24.13 -23.47 37.74
CA PHE A 214 24.39 -23.71 39.19
C PHE A 214 23.86 -22.52 40.01
N ARG A 215 24.00 -21.31 39.46
CA ARG A 215 23.52 -20.06 40.09
C ARG A 215 21.99 -20.15 40.24
N ILE A 216 21.32 -20.80 39.28
CA ILE A 216 19.84 -21.00 39.29
C ILE A 216 19.50 -22.03 40.36
N PHE A 217 20.14 -23.21 40.29
CA PHE A 217 19.95 -24.36 41.21
C PHE A 217 20.14 -23.87 42.65
N ARG A 218 21.26 -23.19 42.91
CA ARG A 218 21.61 -22.63 44.25
C ARG A 218 20.50 -21.69 44.77
N THR A 219 19.66 -21.11 43.89
CA THR A 219 18.57 -20.16 44.25
C THR A 219 17.21 -20.89 44.25
N LEU A 220 16.86 -21.59 43.18
CA LEU A 220 15.48 -22.15 43.05
C LEU A 220 15.48 -23.62 43.46
N GLY A 221 16.62 -24.16 43.92
CA GLY A 221 16.79 -25.56 44.25
C GLY A 221 17.05 -26.35 42.99
N THR A 222 17.75 -27.48 43.10
CA THR A 222 18.15 -28.36 41.98
C THR A 222 16.92 -29.14 41.55
N PRO A 223 16.45 -28.98 40.30
CA PRO A 223 15.22 -29.64 39.87
C PRO A 223 15.38 -31.17 39.92
N ASP A 224 14.31 -31.86 40.30
CA ASP A 224 14.16 -33.35 40.28
C ASP A 224 12.95 -33.71 39.42
N GLU A 225 12.61 -34.98 39.32
CA GLU A 225 11.56 -35.47 38.39
C GLU A 225 10.18 -35.03 38.87
N VAL A 226 10.08 -34.49 40.09
CA VAL A 226 8.78 -34.12 40.76
C VAL A 226 8.47 -32.65 40.47
N VAL A 227 9.47 -31.79 40.50
CA VAL A 227 9.32 -30.39 40.07
C VAL A 227 9.08 -30.40 38.55
N TRP A 228 9.93 -31.12 37.80
CA TRP A 228 10.09 -30.94 36.32
C TRP A 228 10.25 -32.30 35.65
N PRO A 229 9.15 -33.02 35.42
CA PRO A 229 9.22 -34.37 34.85
C PRO A 229 9.95 -34.38 33.52
N GLY A 230 10.86 -35.33 33.34
CA GLY A 230 11.72 -35.47 32.14
C GLY A 230 13.12 -34.88 32.32
N VAL A 231 13.34 -34.08 33.39
CA VAL A 231 14.57 -33.24 33.51
C VAL A 231 15.79 -34.17 33.58
N THR A 232 15.73 -35.25 34.37
CA THR A 232 16.91 -36.10 34.69
C THR A 232 17.33 -36.89 33.46
N SER A 233 16.53 -36.86 32.39
CA SER A 233 16.88 -37.48 31.07
C SER A 233 16.89 -36.40 29.98
N MET A 234 17.44 -35.21 30.27
CA MET A 234 17.66 -34.12 29.29
C MET A 234 19.10 -34.13 28.81
N PRO A 235 19.39 -33.77 27.55
CA PRO A 235 20.69 -34.05 26.95
C PRO A 235 21.93 -33.62 27.74
N ASP A 236 21.90 -32.55 28.52
CA ASP A 236 23.11 -32.05 29.23
C ASP A 236 22.90 -32.08 30.75
N TYR A 237 21.82 -32.73 31.21
CA TYR A 237 21.59 -33.01 32.65
C TYR A 237 22.58 -34.11 33.04
N LYS A 238 23.41 -33.85 34.04
CA LYS A 238 24.35 -34.85 34.62
C LYS A 238 23.82 -35.24 35.99
N PRO A 239 23.75 -36.54 36.35
CA PRO A 239 23.28 -36.93 37.67
C PRO A 239 24.25 -36.49 38.79
N SER A 240 25.46 -36.04 38.43
CA SER A 240 26.53 -35.62 39.38
C SER A 240 26.23 -34.24 39.98
N PHE A 241 25.31 -33.46 39.39
CA PHE A 241 25.02 -32.06 39.81
C PHE A 241 24.72 -32.04 41.30
N PRO A 242 25.28 -31.07 42.06
CA PRO A 242 24.87 -30.83 43.45
C PRO A 242 23.38 -30.61 43.54
N LYS A 243 22.71 -31.39 44.39
CA LYS A 243 21.31 -31.16 44.80
C LYS A 243 21.30 -30.07 45.89
N TRP A 244 21.14 -28.80 45.51
CA TRP A 244 20.98 -27.68 46.46
C TRP A 244 19.51 -27.55 46.83
N ALA A 245 19.24 -27.02 48.02
CA ALA A 245 17.87 -26.78 48.52
C ALA A 245 17.36 -25.47 47.92
N ARG A 246 16.04 -25.33 47.82
CA ARG A 246 15.37 -24.09 47.39
C ARG A 246 15.51 -23.05 48.50
N GLN A 247 15.87 -21.82 48.17
CA GLN A 247 15.91 -20.68 49.14
C GLN A 247 14.50 -20.16 49.39
N ASP A 248 14.31 -19.47 50.52
CA ASP A 248 13.10 -18.66 50.86
C ASP A 248 13.14 -17.35 50.04
N PHE A 249 12.00 -16.92 49.47
CA PHE A 249 11.93 -15.71 48.60
C PHE A 249 11.93 -14.44 49.47
N SER A 250 11.79 -14.59 50.79
CA SER A 250 12.09 -13.54 51.80
C SER A 250 13.52 -13.03 51.62
N LYS A 251 14.45 -13.95 51.35
CA LYS A 251 15.92 -13.70 51.25
C LYS A 251 16.28 -13.23 49.84
N VAL A 252 15.65 -13.79 48.80
CA VAL A 252 16.04 -13.63 47.35
C VAL A 252 15.58 -12.27 46.81
N VAL A 253 14.32 -11.89 47.11
CA VAL A 253 13.72 -10.56 46.79
C VAL A 253 13.15 -9.98 48.10
N PRO A 254 14.03 -9.38 48.95
CA PRO A 254 13.62 -8.91 50.28
C PRO A 254 12.54 -7.84 50.26
N PRO A 255 12.66 -6.78 49.40
CA PRO A 255 11.60 -5.78 49.28
C PRO A 255 10.18 -6.23 48.89
N LEU A 256 10.05 -7.34 48.17
CA LEU A 256 8.86 -7.65 47.32
C LEU A 256 7.69 -8.21 48.16
N ASP A 257 6.46 -7.69 47.96
CA ASP A 257 5.25 -8.07 48.75
C ASP A 257 4.90 -9.54 48.46
N GLU A 258 3.86 -10.08 49.11
CA GLU A 258 3.37 -11.48 48.97
C GLU A 258 2.91 -11.79 47.53
N ASP A 259 2.18 -10.88 46.90
CA ASP A 259 1.70 -11.00 45.50
C ASP A 259 2.92 -10.91 44.56
N GLY A 260 3.77 -9.91 44.76
CA GLY A 260 5.06 -9.78 44.06
C GLY A 260 5.81 -11.12 44.04
N ARG A 261 5.96 -11.77 45.18
CA ARG A 261 6.68 -13.08 45.32
C ARG A 261 5.94 -14.16 44.49
N SER A 262 4.61 -14.25 44.65
CA SER A 262 3.76 -15.29 44.01
C SER A 262 3.98 -15.21 42.50
N LEU A 263 3.92 -14.00 41.93
CA LEU A 263 4.13 -13.77 40.48
C LEU A 263 5.53 -14.24 40.08
N LEU A 264 6.57 -13.94 40.87
CA LEU A 264 7.99 -14.13 40.46
C LEU A 264 8.29 -15.64 40.42
N SER A 265 7.84 -16.39 41.43
CA SER A 265 8.09 -17.86 41.47
C SER A 265 7.42 -18.48 40.23
N GLN A 266 6.19 -18.08 39.96
CA GLN A 266 5.39 -18.61 38.83
C GLN A 266 6.12 -18.32 37.50
N MET A 267 6.78 -17.16 37.41
CA MET A 267 7.53 -16.74 36.21
C MET A 267 8.86 -17.51 36.13
N LEU A 268 9.38 -17.96 37.27
CA LEU A 268 10.67 -18.73 37.32
C LEU A 268 10.48 -20.25 37.52
N HIS A 269 9.27 -20.81 37.31
CA HIS A 269 9.03 -22.27 37.30
C HIS A 269 10.10 -22.93 36.42
N TYR A 270 10.46 -24.15 36.78
CA TYR A 270 11.46 -24.97 36.05
C TYR A 270 10.76 -25.56 34.82
N ASP A 271 9.60 -26.22 35.03
CA ASP A 271 8.81 -26.92 33.99
C ASP A 271 8.19 -25.87 33.09
N PRO A 272 8.65 -25.73 31.82
CA PRO A 272 8.15 -24.67 30.94
C PRO A 272 6.65 -24.80 30.68
N ASN A 273 6.09 -26.00 30.77
CA ASN A 273 4.66 -26.24 30.50
C ASN A 273 3.82 -25.74 31.67
N LYS A 274 4.46 -25.36 32.78
CA LYS A 274 3.80 -24.89 34.02
C LYS A 274 4.09 -23.41 34.27
N ARG A 275 5.21 -22.90 33.79
CA ARG A 275 5.54 -21.46 33.84
C ARG A 275 4.28 -20.66 33.49
N ILE A 276 4.07 -19.52 34.10
CA ILE A 276 2.91 -18.62 33.80
C ILE A 276 3.13 -17.96 32.43
N SER A 277 2.07 -17.82 31.64
CA SER A 277 2.15 -17.18 30.30
C SER A 277 2.10 -15.67 30.47
N ALA A 278 2.42 -14.92 29.42
CA ALA A 278 2.31 -13.44 29.40
C ALA A 278 0.84 -13.10 29.60
N LYS A 279 -0.08 -13.92 29.13
CA LYS A 279 -1.52 -13.57 29.16
C LYS A 279 -2.04 -13.67 30.60
N ALA A 280 -1.65 -14.74 31.29
CA ALA A 280 -2.11 -15.10 32.66
C ALA A 280 -1.48 -14.13 33.68
N ALA A 281 -0.19 -13.86 33.51
CA ALA A 281 0.64 -12.94 34.34
C ALA A 281 -0.05 -11.57 34.44
N LEU A 282 -0.53 -11.06 33.31
CA LEU A 282 -1.21 -9.77 33.24
C LEU A 282 -2.42 -9.79 34.17
N ALA A 283 -3.03 -10.94 34.41
CA ALA A 283 -4.27 -11.04 35.22
C ALA A 283 -3.92 -11.41 36.66
N HIS A 284 -2.64 -11.35 37.06
CA HIS A 284 -2.19 -11.74 38.44
C HIS A 284 -2.50 -10.61 39.45
N PRO A 285 -2.85 -10.94 40.74
CA PRO A 285 -3.29 -9.92 41.72
C PRO A 285 -2.25 -8.84 42.07
N PHE A 286 -0.96 -9.12 41.84
CA PHE A 286 0.13 -8.13 41.84
C PHE A 286 -0.26 -6.88 41.05
N PHE A 287 -1.06 -7.01 39.99
CA PHE A 287 -1.40 -5.93 39.02
C PHE A 287 -2.80 -5.33 39.31
N GLN A 288 -3.25 -5.38 40.56
CA GLN A 288 -4.61 -4.95 40.96
C GLN A 288 -4.73 -3.41 40.98
N ASP A 289 -3.65 -2.68 41.28
CA ASP A 289 -3.65 -1.18 41.40
C ASP A 289 -2.50 -0.57 40.61
N VAL A 290 -2.49 -0.76 39.30
CA VAL A 290 -1.40 -0.26 38.40
C VAL A 290 -1.70 1.21 38.07
N THR A 291 -0.63 2.01 37.92
CA THR A 291 -0.66 3.40 37.38
C THR A 291 0.47 3.53 36.36
N LYS A 292 0.74 4.75 35.85
CA LYS A 292 1.85 5.08 34.90
C LYS A 292 2.74 6.19 35.47
N PRO A 293 3.60 5.93 36.47
CA PRO A 293 4.50 6.97 36.98
C PRO A 293 5.59 7.41 35.96
N VAL A 294 6.54 8.25 36.41
CA VAL A 294 7.81 8.59 35.69
C VAL A 294 9.00 8.58 36.68
N ASP B 3 -2.89 -21.99 26.91
CA ASP B 3 -3.01 -21.95 25.44
C ASP B 3 -3.37 -20.51 25.02
N TYR B 4 -2.70 -20.03 23.97
CA TYR B 4 -2.94 -18.77 23.22
C TYR B 4 -2.93 -19.15 21.75
N HIS B 5 -3.22 -20.42 21.46
CA HIS B 5 -3.31 -21.00 20.10
C HIS B 5 -4.42 -20.27 19.36
N GLU B 6 -5.56 -20.13 20.04
CA GLU B 6 -6.78 -19.56 19.41
C GLU B 6 -6.40 -18.19 18.88
N ASP B 7 -5.63 -17.42 19.65
CA ASP B 7 -5.15 -16.08 19.27
C ASP B 7 -4.43 -16.21 17.92
N ILE B 8 -3.45 -17.13 17.86
CA ILE B 8 -2.55 -17.30 16.69
C ILE B 8 -3.39 -17.77 15.50
N HIS B 9 -4.25 -18.76 15.69
CA HIS B 9 -5.12 -19.30 14.60
C HIS B 9 -5.91 -18.14 13.98
N THR B 10 -6.57 -17.32 14.79
CA THR B 10 -7.34 -16.12 14.34
C THR B 10 -6.42 -15.22 13.50
N TYR B 11 -5.24 -14.87 14.04
CA TYR B 11 -4.25 -14.01 13.34
C TYR B 11 -3.83 -14.66 12.00
N LEU B 12 -3.50 -15.95 11.96
CA LEU B 12 -3.03 -16.66 10.72
C LEU B 12 -4.11 -16.62 9.61
N ARG B 13 -5.36 -16.89 10.00
CA ARG B 13 -6.55 -16.89 9.11
C ARG B 13 -6.76 -15.50 8.50
N GLU B 14 -6.51 -14.46 9.31
CA GLU B 14 -6.60 -13.03 8.92
C GLU B 14 -5.47 -12.68 7.93
N MET B 15 -4.23 -13.13 8.19
CA MET B 15 -3.03 -12.79 7.39
C MET B 15 -2.93 -13.65 6.13
N GLU B 16 -3.70 -14.72 6.04
CA GLU B 16 -3.60 -15.61 4.86
C GLU B 16 -4.36 -14.97 3.70
N VAL B 17 -5.35 -14.13 4.01
CA VAL B 17 -6.14 -13.34 3.02
C VAL B 17 -5.30 -12.17 2.52
N LYS B 18 -4.53 -11.51 3.37
CA LYS B 18 -3.69 -10.34 3.02
C LYS B 18 -2.44 -10.81 2.25
N CYS B 19 -1.96 -12.04 2.48
CA CYS B 19 -0.66 -12.55 1.92
C CYS B 19 -0.95 -13.41 0.66
N LYS B 20 -2.24 -13.62 0.37
CA LYS B 20 -2.70 -14.45 -0.78
C LYS B 20 -2.36 -13.74 -2.09
N PRO B 21 -1.75 -14.44 -3.08
CA PRO B 21 -1.53 -13.87 -4.41
C PRO B 21 -2.81 -13.76 -5.27
N LYS B 22 -2.75 -12.91 -6.30
CA LYS B 22 -3.88 -12.60 -7.24
C LYS B 22 -4.19 -13.86 -8.04
N VAL B 23 -5.44 -14.31 -7.98
CA VAL B 23 -5.88 -15.67 -8.47
C VAL B 23 -5.37 -15.93 -9.89
N GLY B 24 -5.65 -15.03 -10.84
CA GLY B 24 -5.49 -15.34 -12.27
C GLY B 24 -4.24 -14.74 -12.91
N TYR B 25 -3.21 -14.40 -12.13
CA TYR B 25 -2.04 -13.59 -12.56
C TYR B 25 -1.27 -14.26 -13.71
N MET B 26 -1.51 -15.54 -13.94
CA MET B 26 -0.79 -16.32 -14.96
C MET B 26 -1.21 -15.85 -16.36
N LYS B 27 -2.52 -15.70 -16.62
CA LYS B 27 -3.10 -15.10 -17.85
C LYS B 27 -2.39 -13.78 -18.19
N LYS B 28 -2.23 -12.90 -17.21
CA LYS B 28 -1.54 -11.58 -17.38
C LYS B 28 -0.07 -11.80 -17.78
N GLN B 29 0.57 -12.92 -17.43
CA GLN B 29 2.03 -13.14 -17.69
C GLN B 29 2.19 -13.40 -19.18
N PRO B 30 2.98 -12.57 -19.90
CA PRO B 30 3.14 -12.73 -21.34
C PRO B 30 3.98 -13.97 -21.72
N ASP B 31 5.18 -14.18 -21.14
CA ASP B 31 6.18 -15.19 -21.61
C ASP B 31 6.20 -16.44 -20.72
N ILE B 32 5.27 -16.57 -19.77
CA ILE B 32 5.33 -17.59 -18.67
C ILE B 32 3.96 -18.26 -18.60
N THR B 33 3.91 -19.47 -18.02
CA THR B 33 2.72 -20.36 -17.98
C THR B 33 2.71 -21.21 -16.69
N ASN B 34 1.55 -21.79 -16.38
CA ASN B 34 1.41 -22.80 -15.30
C ASN B 34 2.41 -23.96 -15.46
N SER B 35 2.65 -24.44 -16.68
CA SER B 35 3.55 -25.59 -16.93
C SER B 35 4.96 -25.21 -16.45
N MET B 36 5.42 -24.00 -16.79
CA MET B 36 6.78 -23.48 -16.46
C MET B 36 6.93 -23.25 -14.95
N ARG B 37 5.86 -22.79 -14.31
CA ARG B 37 5.75 -22.61 -12.83
C ARG B 37 5.92 -23.98 -12.16
N ALA B 38 5.22 -25.01 -12.64
CA ALA B 38 5.15 -26.33 -11.99
C ALA B 38 6.54 -27.00 -12.03
N ILE B 39 7.24 -26.87 -13.15
CA ILE B 39 8.66 -27.30 -13.31
C ILE B 39 9.51 -26.55 -12.27
N LEU B 40 9.36 -25.24 -12.12
CA LEU B 40 10.17 -24.44 -11.16
C LEU B 40 9.92 -24.99 -9.75
N VAL B 41 8.67 -25.26 -9.38
CA VAL B 41 8.26 -25.67 -8.01
C VAL B 41 8.80 -27.07 -7.69
N ASP B 42 8.64 -28.02 -8.62
CA ASP B 42 9.19 -29.40 -8.55
C ASP B 42 10.69 -29.33 -8.32
N TRP B 43 11.39 -28.40 -9.03
CA TRP B 43 12.87 -28.23 -8.90
C TRP B 43 13.22 -27.81 -7.48
N LEU B 44 12.42 -26.92 -6.92
CA LEU B 44 12.66 -26.42 -5.54
C LEU B 44 12.43 -27.55 -4.52
N VAL B 45 11.55 -28.51 -4.79
CA VAL B 45 11.42 -29.71 -3.90
C VAL B 45 12.77 -30.45 -3.94
N GLU B 46 13.34 -30.72 -5.13
CA GLU B 46 14.67 -31.35 -5.30
C GLU B 46 15.71 -30.50 -4.54
N VAL B 47 15.71 -29.19 -4.70
CA VAL B 47 16.66 -28.35 -3.91
C VAL B 47 16.38 -28.57 -2.41
N GLY B 48 15.10 -28.66 -2.06
CA GLY B 48 14.64 -28.77 -0.67
C GLY B 48 15.13 -30.02 -0.01
N GLU B 49 14.98 -31.15 -0.72
CA GLU B 49 15.39 -32.51 -0.30
C GLU B 49 16.90 -32.67 -0.36
N GLU B 50 17.58 -32.15 -1.39
CA GLU B 50 19.06 -32.19 -1.52
C GLU B 50 19.75 -31.46 -0.35
N TYR B 51 19.29 -30.25 -0.01
CA TYR B 51 19.85 -29.38 1.07
C TYR B 51 19.10 -29.57 2.41
N LYS B 52 18.50 -30.75 2.59
CA LYS B 52 17.76 -31.19 3.83
C LYS B 52 17.05 -30.05 4.56
N LEU B 53 16.34 -29.20 3.82
CA LEU B 53 15.57 -28.05 4.35
C LEU B 53 14.15 -28.45 4.76
N GLN B 54 13.55 -27.67 5.66
CA GLN B 54 12.20 -27.84 6.22
C GLN B 54 11.21 -27.81 5.06
N ASN B 55 10.04 -28.42 5.26
CA ASN B 55 8.84 -28.26 4.41
C ASN B 55 8.27 -26.82 4.46
N GLU B 56 8.40 -26.10 5.59
CA GLU B 56 8.01 -24.67 5.70
C GLU B 56 8.79 -23.90 4.63
N THR B 57 10.11 -24.04 4.59
CA THR B 57 10.99 -23.24 3.69
C THR B 57 10.44 -23.32 2.27
N LEU B 58 10.14 -24.53 1.80
CA LEU B 58 9.56 -24.71 0.44
C LEU B 58 8.23 -23.93 0.33
N HIS B 59 7.24 -24.27 1.17
CA HIS B 59 5.92 -23.59 1.14
C HIS B 59 6.06 -22.06 1.11
N LEU B 60 7.06 -21.51 1.83
CA LEU B 60 7.25 -20.05 2.00
C LEU B 60 7.79 -19.45 0.68
N ALA B 61 8.74 -20.10 0.06
CA ALA B 61 9.34 -19.60 -1.21
C ALA B 61 8.29 -19.51 -2.33
N VAL B 62 7.39 -20.48 -2.39
CA VAL B 62 6.35 -20.54 -3.47
C VAL B 62 5.41 -19.34 -3.25
N ASN B 63 5.05 -19.06 -1.99
CA ASN B 63 4.14 -17.93 -1.67
C ASN B 63 4.83 -16.65 -2.08
N TYR B 64 6.13 -16.52 -1.78
CA TYR B 64 6.96 -15.37 -2.24
C TYR B 64 6.94 -15.34 -3.77
N ILE B 65 7.16 -16.48 -4.41
CA ILE B 65 7.17 -16.60 -5.90
C ILE B 65 5.83 -16.05 -6.45
N ASP B 66 4.68 -16.59 -6.03
CA ASP B 66 3.33 -16.21 -6.56
C ASP B 66 2.98 -14.73 -6.25
N ARG B 67 3.32 -14.24 -5.07
CA ARG B 67 3.13 -12.82 -4.70
C ARG B 67 3.94 -11.98 -5.68
N PHE B 68 5.18 -12.37 -5.99
CA PHE B 68 6.07 -11.53 -6.83
C PHE B 68 5.51 -11.49 -8.25
N LEU B 69 5.13 -12.65 -8.79
CA LEU B 69 4.64 -12.76 -10.20
C LEU B 69 3.27 -12.10 -10.35
N SER B 70 2.57 -11.87 -9.23
CA SER B 70 1.23 -11.23 -9.18
C SER B 70 1.32 -9.76 -9.58
N SER B 71 2.53 -9.19 -9.58
CA SER B 71 2.76 -7.76 -9.81
C SER B 71 4.18 -7.52 -10.34
N MET B 72 4.71 -8.44 -11.13
CA MET B 72 5.98 -8.26 -11.90
C MET B 72 5.95 -9.24 -13.06
N SER B 73 6.07 -8.72 -14.28
CA SER B 73 6.24 -9.54 -15.52
C SER B 73 7.68 -10.04 -15.57
N VAL B 74 7.81 -11.34 -15.87
CA VAL B 74 9.11 -12.06 -15.94
C VAL B 74 9.11 -12.89 -17.24
N LEU B 75 10.27 -12.98 -17.87
CA LEU B 75 10.53 -13.83 -19.07
C LEU B 75 11.00 -15.23 -18.61
N ARG B 76 10.88 -16.23 -19.50
CA ARG B 76 11.15 -17.64 -19.15
C ARG B 76 12.61 -17.78 -18.70
N GLY B 77 13.54 -17.08 -19.36
CA GLY B 77 14.98 -17.12 -19.01
C GLY B 77 15.28 -16.54 -17.63
N LYS B 78 14.26 -15.97 -16.96
CA LYS B 78 14.45 -15.27 -15.66
C LYS B 78 13.67 -15.97 -14.53
N LEU B 79 12.71 -16.86 -14.83
CA LEU B 79 11.92 -17.55 -13.79
C LEU B 79 12.83 -18.34 -12.84
N GLN B 80 13.97 -18.85 -13.29
CA GLN B 80 14.80 -19.65 -12.36
C GLN B 80 15.49 -18.73 -11.33
N LEU B 81 15.70 -17.45 -11.64
CA LEU B 81 16.37 -16.45 -10.75
C LEU B 81 15.42 -16.01 -9.64
N VAL B 82 14.16 -15.77 -10.02
CA VAL B 82 13.08 -15.35 -9.08
C VAL B 82 12.93 -16.42 -7.99
N GLY B 83 12.67 -17.67 -8.40
CA GLY B 83 12.48 -18.79 -7.45
C GLY B 83 13.72 -19.15 -6.64
N THR B 84 14.93 -18.86 -7.14
CA THR B 84 16.23 -19.07 -6.44
C THR B 84 16.31 -18.04 -5.31
N ALA B 85 16.16 -16.77 -5.66
CA ALA B 85 16.16 -15.62 -4.73
C ALA B 85 15.03 -15.83 -3.73
N ALA B 86 13.89 -16.42 -4.14
CA ALA B 86 12.75 -16.70 -3.23
C ALA B 86 13.20 -17.73 -2.22
N MET B 87 13.85 -18.82 -2.64
CA MET B 87 14.23 -19.93 -1.71
C MET B 87 15.30 -19.42 -0.74
N LEU B 88 16.19 -18.52 -1.20
CA LEU B 88 17.31 -17.97 -0.38
C LEU B 88 16.74 -17.16 0.78
N LEU B 89 15.68 -16.42 0.52
CA LEU B 89 15.03 -15.57 1.52
C LEU B 89 14.23 -16.48 2.46
N ALA B 90 13.50 -17.43 1.90
CA ALA B 90 12.66 -18.34 2.71
C ALA B 90 13.64 -19.12 3.60
N SER B 91 14.82 -19.39 3.08
CA SER B 91 15.89 -20.08 3.85
C SER B 91 16.39 -19.16 4.98
N LYS B 92 16.91 -17.97 4.61
CA LYS B 92 17.42 -16.96 5.58
C LYS B 92 16.41 -16.75 6.69
N PHE B 93 15.09 -16.82 6.39
CA PHE B 93 14.00 -16.56 7.37
C PHE B 93 13.75 -17.76 8.32
N GLU B 94 13.61 -18.98 7.78
CA GLU B 94 12.88 -20.16 8.37
C GLU B 94 13.85 -21.20 8.95
N GLU B 95 15.12 -21.17 8.53
CA GLU B 95 16.08 -22.29 8.63
C GLU B 95 17.14 -21.96 9.66
N ILE B 96 17.50 -22.90 10.55
CA ILE B 96 18.60 -22.67 11.53
C ILE B 96 19.93 -22.42 10.76
N TYR B 97 20.27 -23.27 9.77
CA TYR B 97 21.50 -23.14 8.92
C TYR B 97 21.07 -22.94 7.46
N PRO B 98 20.87 -21.69 7.00
CA PRO B 98 20.42 -21.44 5.64
C PRO B 98 21.59 -21.68 4.69
N PRO B 99 21.40 -22.32 3.51
CA PRO B 99 22.49 -22.55 2.57
C PRO B 99 22.98 -21.17 2.13
N GLU B 100 24.29 -21.04 1.90
CA GLU B 100 24.93 -19.73 1.55
C GLU B 100 24.62 -19.39 0.08
N VAL B 101 25.03 -18.21 -0.38
CA VAL B 101 24.64 -17.68 -1.72
C VAL B 101 25.30 -18.60 -2.76
N ALA B 102 26.60 -18.81 -2.59
CA ALA B 102 27.45 -19.47 -3.61
C ALA B 102 26.95 -20.92 -3.81
N GLU B 103 26.23 -21.47 -2.82
CA GLU B 103 25.58 -22.82 -2.92
C GLU B 103 24.33 -22.70 -3.78
N PHE B 104 23.49 -21.73 -3.48
CA PHE B 104 22.28 -21.39 -4.27
C PHE B 104 22.67 -21.14 -5.74
N VAL B 105 23.87 -20.58 -5.99
CA VAL B 105 24.43 -20.40 -7.36
C VAL B 105 24.69 -21.75 -7.97
N TYR B 106 25.44 -22.60 -7.27
CA TYR B 106 25.91 -23.94 -7.74
C TYR B 106 24.72 -24.75 -8.25
N ILE B 107 23.56 -24.71 -7.56
CA ILE B 107 22.36 -25.52 -7.93
C ILE B 107 21.65 -24.96 -9.19
N THR B 108 21.93 -23.72 -9.59
CA THR B 108 21.49 -23.19 -10.91
C THR B 108 22.49 -23.65 -11.98
N ASP B 109 23.61 -24.23 -11.56
CA ASP B 109 24.68 -24.73 -12.47
C ASP B 109 25.30 -23.52 -13.17
N ASP B 110 25.46 -22.40 -12.45
CA ASP B 110 26.07 -21.16 -13.01
C ASP B 110 25.21 -20.56 -14.16
N THR B 111 23.92 -20.90 -14.23
CA THR B 111 22.95 -20.21 -15.11
C THR B 111 23.02 -18.69 -14.89
N TYR B 112 23.18 -18.27 -13.62
CA TYR B 112 23.28 -16.86 -13.13
C TYR B 112 24.47 -16.67 -12.18
N THR B 113 24.88 -15.42 -12.03
CA THR B 113 26.02 -15.03 -11.15
C THR B 113 25.50 -14.87 -9.71
N LYS B 114 26.47 -14.68 -8.79
CA LYS B 114 26.25 -14.31 -7.36
C LYS B 114 25.53 -12.95 -7.34
N LYS B 115 26.11 -11.96 -8.01
CA LYS B 115 25.51 -10.62 -8.32
C LYS B 115 24.03 -10.78 -8.71
N GLN B 116 23.74 -11.57 -9.73
CA GLN B 116 22.34 -11.74 -10.21
C GLN B 116 21.46 -12.25 -9.08
N VAL B 117 21.92 -13.27 -8.34
CA VAL B 117 21.10 -13.83 -7.23
C VAL B 117 20.92 -12.77 -6.13
N LEU B 118 21.98 -12.03 -5.78
CA LEU B 118 21.95 -11.04 -4.68
C LEU B 118 21.09 -9.85 -5.11
N ARG B 119 21.23 -9.42 -6.35
CA ARG B 119 20.47 -8.27 -6.91
C ARG B 119 18.99 -8.64 -7.03
N MET B 120 18.63 -9.88 -7.25
CA MET B 120 17.20 -10.33 -7.33
C MET B 120 16.59 -10.42 -5.92
N GLU B 121 17.38 -10.79 -4.92
CA GLU B 121 16.90 -10.87 -3.51
C GLU B 121 16.43 -9.48 -3.10
N HIS B 122 17.30 -8.47 -3.29
CA HIS B 122 17.01 -7.04 -3.02
C HIS B 122 15.70 -6.68 -3.70
N LEU B 123 15.55 -7.05 -4.98
CA LEU B 123 14.32 -6.72 -5.76
C LEU B 123 13.09 -7.44 -5.18
N VAL B 124 13.24 -8.68 -4.72
CA VAL B 124 12.09 -9.51 -4.24
C VAL B 124 11.60 -8.95 -2.89
N LEU B 125 12.53 -8.46 -2.08
CA LEU B 125 12.20 -7.83 -0.78
C LEU B 125 11.39 -6.57 -1.10
N LYS B 126 11.87 -5.76 -2.04
CA LYS B 126 11.23 -4.49 -2.41
C LYS B 126 9.78 -4.74 -2.86
N VAL B 127 9.57 -5.68 -3.75
CA VAL B 127 8.22 -5.98 -4.30
C VAL B 127 7.32 -6.55 -3.17
N LEU B 128 7.90 -7.27 -2.20
CA LEU B 128 7.13 -7.94 -1.12
C LEU B 128 7.07 -7.00 0.08
N THR B 129 7.75 -5.86 -0.01
CA THR B 129 7.76 -4.79 1.04
C THR B 129 8.11 -5.47 2.39
N PHE B 130 9.14 -6.32 2.35
CA PHE B 130 9.77 -7.04 3.49
C PHE B 130 8.75 -7.83 4.32
N ASP B 131 7.54 -8.08 3.80
CA ASP B 131 6.56 -9.00 4.43
C ASP B 131 6.87 -10.45 4.02
N LEU B 132 7.60 -11.18 4.87
CA LEU B 132 8.03 -12.59 4.65
C LEU B 132 7.31 -13.58 5.55
N ALA B 133 6.72 -13.15 6.65
CA ALA B 133 6.06 -14.01 7.66
C ALA B 133 4.65 -14.41 7.20
N ALA B 134 4.53 -14.99 6.01
CA ALA B 134 3.23 -15.37 5.43
C ALA B 134 2.82 -16.73 5.97
N PRO B 135 1.53 -16.95 6.27
CA PRO B 135 0.98 -18.28 6.56
C PRO B 135 0.97 -19.26 5.38
N THR B 136 1.42 -20.50 5.62
CA THR B 136 1.56 -21.62 4.65
C THR B 136 0.54 -22.72 4.96
N VAL B 137 0.39 -23.68 4.02
CA VAL B 137 -0.50 -24.89 4.17
C VAL B 137 0.00 -25.68 5.39
N ASN B 138 1.34 -25.74 5.47
CA ASN B 138 2.10 -26.46 6.49
C ASN B 138 1.74 -25.88 7.87
N GLN B 139 1.73 -24.56 8.01
CA GLN B 139 1.47 -23.89 9.31
C GLN B 139 0.12 -24.38 9.86
N PHE B 140 -0.88 -24.49 9.00
CA PHE B 140 -2.27 -24.84 9.41
C PHE B 140 -2.34 -26.35 9.69
N LEU B 141 -1.71 -27.17 8.85
CA LEU B 141 -1.69 -28.64 8.98
C LEU B 141 -1.19 -29.04 10.37
N THR B 142 -0.05 -28.44 10.82
CA THR B 142 0.62 -28.76 12.11
C THR B 142 -0.29 -28.41 13.29
N GLN B 143 -1.11 -27.39 13.16
CA GLN B 143 -2.19 -27.09 14.11
C GLN B 143 -3.27 -28.18 14.06
N TYR B 144 -3.70 -28.56 12.86
CA TYR B 144 -4.78 -29.55 12.61
C TYR B 144 -4.39 -30.89 13.21
N PHE B 145 -3.10 -31.23 13.24
CA PHE B 145 -2.56 -32.55 13.68
C PHE B 145 -2.80 -32.78 15.19
N LEU B 146 -2.90 -31.72 15.99
CA LEU B 146 -3.10 -31.86 17.46
C LEU B 146 -4.54 -32.33 17.78
N HIS B 147 -5.43 -32.41 16.79
CA HIS B 147 -6.85 -32.76 16.99
C HIS B 147 -7.12 -34.23 16.64
N GLN B 148 -6.12 -34.96 16.16
CA GLN B 148 -6.28 -36.42 16.04
C GLN B 148 -6.37 -36.90 17.48
N GLN B 149 -7.36 -37.70 17.83
CA GLN B 149 -7.30 -38.31 19.19
C GLN B 149 -6.07 -39.20 19.19
N PRO B 150 -5.97 -40.14 18.21
CA PRO B 150 -4.77 -40.95 18.06
C PRO B 150 -3.80 -40.37 17.00
N ALA B 151 -2.69 -39.74 17.44
CA ALA B 151 -1.57 -39.35 16.56
C ALA B 151 -1.25 -40.55 15.67
N ASN B 152 -1.30 -40.34 14.35
CA ASN B 152 -1.05 -41.36 13.31
C ASN B 152 -0.01 -40.80 12.34
N CYS B 153 1.23 -41.24 12.46
CA CYS B 153 2.39 -40.73 11.68
C CYS B 153 2.17 -40.95 10.17
N LYS B 154 1.35 -41.94 9.76
CA LYS B 154 0.98 -42.17 8.34
C LYS B 154 0.08 -41.02 7.88
N VAL B 155 -1.01 -40.74 8.61
CA VAL B 155 -1.94 -39.61 8.31
C VAL B 155 -1.11 -38.32 8.14
N GLU B 156 -0.13 -38.08 9.01
CA GLU B 156 0.64 -36.81 9.06
C GLU B 156 1.48 -36.67 7.77
N SER B 157 2.21 -37.72 7.39
CA SER B 157 3.08 -37.72 6.19
C SER B 157 2.24 -37.62 4.91
N LEU B 158 1.05 -38.20 4.91
CA LEU B 158 0.17 -38.21 3.71
C LEU B 158 -0.43 -36.82 3.51
N ALA B 159 -1.02 -36.24 4.55
CA ALA B 159 -1.63 -34.88 4.54
C ALA B 159 -0.57 -33.88 4.09
N MET B 160 0.65 -34.01 4.62
CA MET B 160 1.78 -33.18 4.19
C MET B 160 1.96 -33.45 2.71
N PHE B 161 2.15 -34.72 2.31
CA PHE B 161 2.31 -35.14 0.90
C PHE B 161 1.26 -34.42 0.05
N LEU B 162 -0.02 -34.55 0.40
CA LEU B 162 -1.17 -33.95 -0.34
C LEU B 162 -1.05 -32.44 -0.38
N GLY B 163 -0.65 -31.85 0.72
CA GLY B 163 -0.38 -30.41 0.83
C GLY B 163 0.69 -29.93 -0.14
N GLU B 164 1.77 -30.71 -0.37
CA GLU B 164 2.87 -30.28 -1.29
C GLU B 164 2.40 -30.37 -2.76
N LEU B 165 1.52 -31.35 -3.08
CA LEU B 165 1.08 -31.63 -4.48
C LEU B 165 0.52 -30.34 -5.08
N SER B 166 -0.16 -29.55 -4.27
CA SER B 166 -0.92 -28.34 -4.69
C SER B 166 0.03 -27.20 -5.01
N LEU B 167 1.22 -27.23 -4.43
CA LEU B 167 2.23 -26.17 -4.68
C LEU B 167 2.61 -26.23 -6.16
N ILE B 168 2.44 -27.41 -6.78
CA ILE B 168 2.90 -27.67 -8.17
C ILE B 168 1.94 -26.97 -9.14
N ASP B 169 0.65 -26.99 -8.80
CA ASP B 169 -0.46 -26.74 -9.76
C ASP B 169 -1.14 -25.41 -9.42
N ALA B 170 -0.67 -24.31 -9.99
CA ALA B 170 -1.37 -23.00 -9.90
C ALA B 170 -2.87 -23.20 -10.13
N ASP B 171 -3.21 -23.88 -11.22
CA ASP B 171 -4.61 -24.26 -11.56
C ASP B 171 -4.84 -25.65 -11.00
N PRO B 172 -5.76 -25.83 -10.03
CA PRO B 172 -6.55 -24.73 -9.45
C PRO B 172 -6.34 -24.34 -7.98
N TYR B 173 -5.16 -24.58 -7.41
CA TYR B 173 -4.90 -24.34 -5.97
C TYR B 173 -4.84 -22.86 -5.60
N LEU B 174 -4.27 -22.02 -6.44
CA LEU B 174 -4.27 -20.56 -6.13
C LEU B 174 -5.70 -20.09 -5.81
N LYS B 175 -6.74 -20.70 -6.36
CA LYS B 175 -8.15 -20.35 -6.11
C LYS B 175 -8.59 -20.77 -4.68
N TYR B 176 -7.68 -21.28 -3.85
CA TYR B 176 -8.02 -21.75 -2.47
C TYR B 176 -7.05 -21.14 -1.45
N LEU B 177 -7.59 -20.78 -0.25
CA LEU B 177 -6.80 -20.29 0.91
C LEU B 177 -6.00 -21.45 1.50
N PRO B 178 -4.75 -21.22 1.94
CA PRO B 178 -3.97 -22.24 2.66
C PRO B 178 -4.71 -23.05 3.75
N SER B 179 -5.48 -22.36 4.60
CA SER B 179 -6.26 -22.97 5.70
C SER B 179 -7.25 -23.99 5.11
N VAL B 180 -7.82 -23.72 3.94
CA VAL B 180 -8.84 -24.60 3.29
C VAL B 180 -8.10 -25.80 2.68
N ILE B 181 -7.05 -25.52 1.89
CA ILE B 181 -6.23 -26.59 1.26
C ILE B 181 -5.78 -27.57 2.36
N ALA B 182 -5.25 -27.08 3.48
CA ALA B 182 -4.82 -27.92 4.61
C ALA B 182 -6.03 -28.73 5.12
N GLY B 183 -7.24 -28.19 5.00
CA GLY B 183 -8.46 -28.83 5.51
C GLY B 183 -8.72 -30.08 4.70
N ALA B 184 -8.68 -29.92 3.36
CA ALA B 184 -8.84 -30.98 2.34
C ALA B 184 -7.78 -32.06 2.56
N ALA B 185 -6.52 -31.65 2.70
CA ALA B 185 -5.34 -32.56 2.78
C ALA B 185 -5.43 -33.43 4.03
N PHE B 186 -6.00 -32.94 5.13
CA PHE B 186 -6.05 -33.66 6.44
C PHE B 186 -7.16 -34.71 6.37
N HIS B 187 -8.37 -34.27 5.98
CA HIS B 187 -9.56 -35.15 5.86
C HIS B 187 -9.21 -36.31 4.92
N LEU B 188 -8.68 -35.99 3.73
CA LEU B 188 -8.34 -36.96 2.67
C LEU B 188 -7.25 -37.94 3.17
N ALA B 189 -6.24 -37.44 3.87
CA ALA B 189 -5.16 -38.24 4.48
C ALA B 189 -5.72 -39.17 5.56
N LEU B 190 -6.62 -38.64 6.40
CA LEU B 190 -7.25 -39.39 7.51
C LEU B 190 -8.17 -40.45 6.92
N TYR B 191 -9.03 -40.06 6.00
CA TYR B 191 -10.02 -40.96 5.38
C TYR B 191 -9.31 -42.14 4.68
N THR B 192 -8.17 -41.84 4.05
CA THR B 192 -7.33 -42.80 3.28
C THR B 192 -6.74 -43.89 4.20
N VAL B 193 -6.32 -43.57 5.42
CA VAL B 193 -5.57 -44.57 6.24
C VAL B 193 -6.48 -45.17 7.32
N THR B 194 -7.42 -44.41 7.85
CA THR B 194 -8.23 -44.80 9.03
C THR B 194 -9.70 -44.98 8.63
N GLY B 195 -10.20 -44.26 7.62
CA GLY B 195 -11.63 -44.23 7.27
C GLY B 195 -12.38 -43.10 7.97
N GLN B 196 -11.73 -42.42 8.90
CA GLN B 196 -12.36 -41.32 9.68
C GLN B 196 -12.41 -40.08 8.80
N SER B 197 -13.00 -38.99 9.29
CA SER B 197 -13.22 -37.73 8.53
C SER B 197 -12.96 -36.52 9.42
N TRP B 198 -13.03 -35.32 8.80
CA TRP B 198 -12.85 -33.98 9.41
C TRP B 198 -13.39 -33.95 10.85
N PRO B 199 -12.51 -33.92 11.87
CA PRO B 199 -12.92 -33.98 13.28
C PRO B 199 -13.84 -32.83 13.71
N GLU B 200 -14.79 -33.13 14.59
CA GLU B 200 -15.74 -32.14 15.11
C GLU B 200 -14.92 -30.98 15.67
N SER B 201 -13.84 -31.27 16.41
CA SER B 201 -13.04 -30.26 17.14
C SER B 201 -12.48 -29.23 16.14
N LEU B 202 -12.14 -29.68 14.92
CA LEU B 202 -11.60 -28.79 13.85
C LEU B 202 -12.74 -28.02 13.16
N ILE B 203 -13.94 -28.59 13.12
CA ILE B 203 -15.16 -27.85 12.64
C ILE B 203 -15.35 -26.62 13.54
N ARG B 204 -15.17 -26.78 14.83
CA ARG B 204 -15.30 -25.68 15.84
C ARG B 204 -14.15 -24.69 15.66
N LYS B 205 -12.91 -25.18 15.69
CA LYS B 205 -11.70 -24.33 15.57
C LYS B 205 -11.77 -23.47 14.28
N THR B 206 -12.20 -24.06 13.15
CA THR B 206 -11.99 -23.48 11.80
C THR B 206 -13.27 -22.90 11.20
N GLY B 207 -14.43 -23.45 11.56
CA GLY B 207 -15.74 -23.05 10.99
C GLY B 207 -16.01 -23.76 9.67
N TYR B 208 -15.12 -24.65 9.22
CA TYR B 208 -15.23 -25.43 7.95
C TYR B 208 -15.98 -26.74 8.20
N THR B 209 -17.12 -26.94 7.56
CA THR B 209 -17.80 -28.27 7.46
C THR B 209 -17.22 -29.03 6.26
N LEU B 210 -17.38 -30.36 6.23
CA LEU B 210 -17.05 -31.15 5.01
C LEU B 210 -17.69 -30.46 3.81
N GLU B 211 -18.92 -29.97 3.97
CA GLU B 211 -19.70 -29.26 2.90
C GLU B 211 -18.85 -28.12 2.32
N SER B 212 -18.17 -27.33 3.15
CA SER B 212 -17.39 -26.15 2.71
C SER B 212 -16.09 -26.59 2.02
N LEU B 213 -15.54 -27.72 2.44
CA LEU B 213 -14.27 -28.30 1.91
C LEU B 213 -14.50 -29.09 0.60
N LYS B 214 -15.76 -29.37 0.23
CA LYS B 214 -16.12 -30.25 -0.94
C LYS B 214 -15.36 -29.81 -2.18
N PRO B 215 -15.51 -28.55 -2.66
CA PRO B 215 -14.82 -28.10 -3.89
C PRO B 215 -13.30 -28.31 -3.93
N CYS B 216 -12.58 -27.98 -2.85
CA CYS B 216 -11.11 -28.16 -2.73
C CYS B 216 -10.80 -29.66 -2.71
N LEU B 217 -11.65 -30.45 -2.00
CA LEU B 217 -11.48 -31.93 -1.86
C LEU B 217 -11.60 -32.62 -3.22
N MET B 218 -12.52 -32.15 -4.05
CA MET B 218 -12.79 -32.69 -5.41
C MET B 218 -11.50 -32.58 -6.22
N ASP B 219 -10.97 -31.35 -6.33
CA ASP B 219 -9.73 -31.04 -7.09
C ASP B 219 -8.58 -31.85 -6.50
N LEU B 220 -8.39 -31.79 -5.19
CA LEU B 220 -7.25 -32.45 -4.48
C LEU B 220 -7.34 -33.96 -4.67
N HIS B 221 -8.55 -34.52 -4.67
CA HIS B 221 -8.82 -35.97 -4.92
C HIS B 221 -8.33 -36.40 -6.33
N GLN B 222 -8.67 -35.65 -7.38
CA GLN B 222 -8.23 -35.88 -8.79
C GLN B 222 -6.72 -35.81 -8.83
N THR B 223 -6.16 -34.79 -8.21
CA THR B 223 -4.70 -34.54 -8.18
C THR B 223 -4.02 -35.82 -7.62
N TYR B 224 -4.56 -36.35 -6.51
CA TYR B 224 -4.00 -37.55 -5.82
C TYR B 224 -4.17 -38.77 -6.74
N LEU B 225 -5.29 -38.84 -7.44
CA LEU B 225 -5.60 -39.98 -8.33
C LEU B 225 -4.60 -39.96 -9.48
N LYS B 226 -4.48 -38.82 -10.15
CA LYS B 226 -3.64 -38.68 -11.36
C LYS B 226 -2.16 -38.41 -10.99
N ALA B 227 -1.75 -38.66 -9.75
CA ALA B 227 -0.45 -38.20 -9.22
C ALA B 227 0.73 -38.89 -9.91
N PRO B 228 0.68 -40.21 -10.22
CA PRO B 228 1.81 -40.93 -10.83
C PRO B 228 2.01 -40.69 -12.34
N GLN B 229 1.01 -40.07 -12.99
CA GLN B 229 1.05 -39.67 -14.42
C GLN B 229 1.37 -38.18 -14.58
N HIS B 230 1.30 -37.34 -13.51
CA HIS B 230 1.76 -35.92 -13.52
C HIS B 230 3.17 -35.88 -14.13
N ALA B 231 3.49 -34.87 -14.93
CA ALA B 231 4.86 -34.73 -15.48
C ALA B 231 5.84 -34.61 -14.33
N GLN B 232 5.40 -33.92 -13.25
CA GLN B 232 6.17 -33.60 -12.01
C GLN B 232 6.06 -34.75 -11.00
N GLN B 233 7.21 -35.18 -10.50
CA GLN B 233 7.30 -36.46 -9.75
C GLN B 233 8.22 -36.33 -8.53
N SER B 234 8.91 -35.20 -8.34
CA SER B 234 9.88 -35.08 -7.24
C SER B 234 9.18 -35.27 -5.88
N ILE B 235 7.92 -34.87 -5.76
CA ILE B 235 7.17 -34.92 -4.47
C ILE B 235 6.90 -36.40 -4.09
N ARG B 236 6.59 -37.22 -5.07
CA ARG B 236 6.36 -38.69 -4.88
C ARG B 236 7.66 -39.42 -4.53
N GLU B 237 8.75 -39.11 -5.23
CA GLU B 237 10.13 -39.55 -4.88
C GLU B 237 10.47 -39.15 -3.42
N LYS B 238 10.18 -37.89 -3.01
CA LYS B 238 10.45 -37.35 -1.65
C LYS B 238 9.65 -38.16 -0.62
N TYR B 239 8.37 -38.43 -0.88
CA TYR B 239 7.48 -39.09 0.12
C TYR B 239 7.48 -40.62 -0.05
N LYS B 240 8.53 -41.15 -0.65
CA LYS B 240 8.74 -42.61 -0.84
C LYS B 240 9.69 -43.08 0.27
N ASN B 241 10.53 -42.18 0.79
CA ASN B 241 11.48 -42.40 1.91
C ASN B 241 10.72 -42.97 3.13
N SER B 242 11.42 -43.70 4.00
CA SER B 242 10.88 -44.21 5.28
C SER B 242 10.68 -43.02 6.21
N LYS B 243 11.44 -41.95 6.00
CA LYS B 243 11.23 -40.65 6.71
C LYS B 243 9.73 -40.35 6.77
N TYR B 244 9.06 -40.37 5.62
CA TYR B 244 7.60 -40.03 5.48
C TYR B 244 6.76 -41.33 5.36
N HIS B 245 7.30 -42.48 5.79
CA HIS B 245 6.61 -43.80 5.87
C HIS B 245 6.16 -44.28 4.49
N GLY B 246 6.93 -43.94 3.44
CA GLY B 246 6.60 -44.22 2.02
C GLY B 246 5.10 -44.17 1.73
N VAL B 247 4.50 -43.04 2.04
CA VAL B 247 3.02 -42.86 1.92
C VAL B 247 2.62 -42.61 0.47
N SER B 248 3.55 -42.22 -0.43
CA SER B 248 3.24 -41.99 -1.87
C SER B 248 2.90 -43.33 -2.57
N LEU B 249 3.28 -44.46 -1.95
CA LEU B 249 3.03 -45.82 -2.50
C LEU B 249 1.60 -46.24 -2.15
N LEU B 250 0.98 -45.61 -1.15
CA LEU B 250 -0.40 -45.97 -0.69
C LEU B 250 -1.38 -45.88 -1.86
N ASN B 251 -2.36 -46.79 -1.89
CA ASN B 251 -3.49 -46.81 -2.87
C ASN B 251 -4.51 -45.74 -2.51
N PRO B 252 -4.69 -44.69 -3.32
CA PRO B 252 -5.73 -43.70 -3.04
C PRO B 252 -7.11 -44.33 -2.84
N PRO B 253 -8.04 -43.65 -2.15
CA PRO B 253 -9.44 -44.06 -2.14
C PRO B 253 -10.07 -43.82 -3.53
N GLU B 254 -11.29 -44.31 -3.74
CA GLU B 254 -11.95 -44.41 -5.07
C GLU B 254 -13.09 -43.39 -5.11
N THR B 255 -13.98 -43.43 -4.11
CA THR B 255 -15.12 -42.47 -3.91
C THR B 255 -15.11 -41.96 -2.46
N LEU B 256 -15.98 -40.99 -2.13
CA LEU B 256 -16.16 -40.40 -0.78
C LEU B 256 -17.64 -40.05 -0.56
N MET C 2 16.60 1.43 -10.90
CA MET C 2 17.58 2.50 -11.26
C MET C 2 18.66 1.91 -12.20
N GLU C 3 19.55 1.05 -11.67
CA GLU C 3 20.68 0.44 -12.42
C GLU C 3 20.22 -0.90 -13.02
N ASN C 4 19.06 -1.41 -12.58
CA ASN C 4 18.42 -2.65 -13.10
C ASN C 4 18.03 -2.56 -14.57
N PHE C 5 17.82 -1.34 -15.09
CA PHE C 5 17.40 -1.07 -16.48
C PHE C 5 18.63 -0.83 -17.36
N GLN C 6 18.72 -1.61 -18.44
CA GLN C 6 19.73 -1.47 -19.53
C GLN C 6 19.01 -0.88 -20.75
N LYS C 7 19.39 0.32 -21.18
CA LYS C 7 18.80 1.03 -22.33
C LYS C 7 19.16 0.27 -23.63
N VAL C 8 18.13 -0.12 -24.39
CA VAL C 8 18.26 -0.78 -25.73
C VAL C 8 18.45 0.32 -26.79
N GLU C 9 17.52 1.28 -26.91
CA GLU C 9 17.60 2.37 -27.91
C GLU C 9 16.81 3.60 -27.43
N LYS C 10 17.01 4.73 -28.11
CA LYS C 10 16.20 5.97 -27.93
C LYS C 10 14.93 5.90 -28.78
N ILE C 11 13.77 5.88 -28.15
CA ILE C 11 12.47 5.91 -28.86
C ILE C 11 12.24 7.33 -29.39
N GLY C 12 12.09 8.31 -28.51
CA GLY C 12 11.70 9.67 -28.91
C GLY C 12 12.10 10.72 -27.90
N GLU C 13 11.55 11.93 -28.07
CA GLU C 13 11.91 13.14 -27.27
C GLU C 13 10.77 14.16 -27.10
N GLY C 14 10.57 14.60 -25.86
CA GLY C 14 9.52 15.54 -25.43
C GLY C 14 10.05 16.74 -24.66
N THR C 15 9.17 17.49 -24.00
CA THR C 15 9.50 18.76 -23.28
C THR C 15 9.63 18.43 -21.80
N GLY C 17 10.92 14.12 -20.78
CA GLY C 17 11.47 14.70 -22.02
C GLY C 17 11.84 13.61 -22.98
N VAL C 18 13.07 13.10 -22.90
CA VAL C 18 13.58 11.96 -23.74
C VAL C 18 12.93 10.65 -23.25
N VAL C 19 12.60 9.75 -24.20
CA VAL C 19 12.08 8.38 -23.92
C VAL C 19 13.05 7.33 -24.47
N TYR C 20 13.50 6.39 -23.62
CA TYR C 20 14.29 5.20 -24.02
C TYR C 20 13.41 3.94 -23.96
N LYS C 21 13.68 3.02 -24.87
CA LYS C 21 13.34 1.56 -24.73
C LYS C 21 14.40 0.94 -23.82
N ALA C 22 13.98 0.17 -22.83
CA ALA C 22 14.92 -0.44 -21.87
C ALA C 22 14.44 -1.84 -21.52
N ARG C 23 15.33 -2.58 -20.88
CA ARG C 23 15.12 -3.97 -20.39
C ARG C 23 15.51 -3.99 -18.91
N ASN C 24 14.63 -4.55 -18.08
CA ASN C 24 14.93 -4.97 -16.68
C ASN C 24 15.96 -6.13 -16.65
N LYS C 25 17.16 -5.90 -16.11
CA LYS C 25 18.30 -6.84 -16.19
C LYS C 25 18.05 -8.09 -15.34
N LEU C 26 17.13 -8.02 -14.38
CA LEU C 26 16.81 -9.15 -13.46
C LEU C 26 15.55 -9.90 -13.92
N THR C 27 14.53 -9.19 -14.43
CA THR C 27 13.21 -9.77 -14.82
C THR C 27 13.08 -9.97 -16.33
N GLY C 28 13.93 -9.32 -17.13
CA GLY C 28 13.96 -9.44 -18.60
C GLY C 28 12.96 -8.52 -19.31
N GLU C 29 12.01 -7.97 -18.54
CA GLU C 29 10.85 -7.15 -18.99
C GLU C 29 11.34 -5.93 -19.76
N VAL C 30 10.71 -5.69 -20.91
CA VAL C 30 10.96 -4.51 -21.78
C VAL C 30 10.05 -3.36 -21.34
N VAL C 31 10.60 -2.16 -21.25
CA VAL C 31 9.83 -0.96 -20.79
C VAL C 31 10.18 0.27 -21.62
N ALA C 32 9.33 1.30 -21.50
CA ALA C 32 9.60 2.69 -21.92
C ALA C 32 9.95 3.54 -20.68
N LEU C 33 11.15 4.13 -20.68
CA LEU C 33 11.61 5.09 -19.68
C LEU C 33 11.44 6.49 -20.28
N LYS C 34 10.50 7.28 -19.73
CA LYS C 34 10.36 8.76 -19.95
C LYS C 34 11.25 9.49 -18.92
N LYS C 35 12.39 10.02 -19.36
CA LYS C 35 13.32 10.80 -18.51
C LYS C 35 12.79 12.23 -18.45
N ILE C 36 12.66 12.80 -17.24
CA ILE C 36 12.15 14.19 -16.98
C ILE C 36 13.22 14.92 -16.16
N ARG C 37 13.79 16.01 -16.70
CA ARG C 37 14.85 16.79 -16.00
C ARG C 37 14.22 17.82 -15.04
N LEU C 38 14.77 17.94 -13.83
CA LEU C 38 14.27 18.88 -12.78
C LEU C 38 15.11 20.16 -12.81
N ASP C 39 15.33 20.73 -13.99
CA ASP C 39 16.31 21.82 -14.20
C ASP C 39 16.03 22.49 -15.55
N THR C 42 14.89 23.81 -11.12
CA THR C 42 14.79 25.19 -10.55
C THR C 42 13.32 25.50 -10.14
N GLU C 43 12.34 24.96 -10.87
CA GLU C 43 10.89 25.12 -10.57
C GLU C 43 10.35 23.91 -9.80
N GLY C 44 11.20 22.94 -9.48
CA GLY C 44 10.80 21.73 -8.72
C GLY C 44 10.42 20.57 -9.64
N VAL C 45 9.37 19.83 -9.28
CA VAL C 45 8.82 18.73 -10.11
C VAL C 45 7.85 19.35 -11.11
N PRO C 46 8.04 19.20 -12.45
CA PRO C 46 7.17 19.84 -13.43
C PRO C 46 5.71 19.39 -13.33
N SER C 47 4.81 20.33 -13.63
CA SER C 47 3.33 20.23 -13.53
C SER C 47 2.82 19.10 -14.44
N THR C 48 3.52 18.84 -15.56
CA THR C 48 3.18 17.78 -16.56
C THR C 48 3.38 16.41 -15.92
N ALA C 49 4.51 16.16 -15.26
CA ALA C 49 4.82 14.89 -14.54
C ALA C 49 3.86 14.66 -13.37
N ILE C 50 3.60 15.71 -12.57
CA ILE C 50 2.69 15.70 -11.39
C ILE C 50 1.32 15.18 -11.84
N ARG C 51 0.80 15.79 -12.91
CA ARG C 51 -0.51 15.47 -13.55
C ARG C 51 -0.49 14.12 -14.26
N GLU C 52 0.56 13.81 -15.03
CA GLU C 52 0.60 12.54 -15.81
C GLU C 52 0.58 11.36 -14.82
N ILE C 53 1.42 11.42 -13.80
CA ILE C 53 1.57 10.33 -12.80
C ILE C 53 0.25 10.18 -12.01
N SER C 54 -0.31 11.27 -11.46
CA SER C 54 -1.46 11.17 -10.52
C SER C 54 -2.68 10.64 -11.28
N LEU C 55 -2.79 11.00 -12.54
CA LEU C 55 -4.00 10.67 -13.36
C LEU C 55 -3.91 9.23 -13.86
N LEU C 56 -2.74 8.82 -14.34
CA LEU C 56 -2.54 7.45 -14.93
C LEU C 56 -2.72 6.39 -13.84
N LYS C 57 -2.43 6.73 -12.59
CA LYS C 57 -2.56 5.79 -11.44
C LYS C 57 -4.05 5.52 -11.14
N GLU C 58 -4.96 6.38 -11.57
CA GLU C 58 -6.42 6.19 -11.38
C GLU C 58 -7.06 5.62 -12.65
N LEU C 59 -6.27 5.39 -13.69
CA LEU C 59 -6.78 5.11 -15.08
C LEU C 59 -6.29 3.74 -15.54
N ASN C 60 -6.84 2.69 -14.94
CA ASN C 60 -6.46 1.29 -15.26
C ASN C 60 -7.49 0.72 -16.25
N HIS C 61 -7.12 0.68 -17.53
CA HIS C 61 -7.97 0.19 -18.66
C HIS C 61 -7.09 -0.58 -19.63
N PRO C 62 -7.61 -1.68 -20.25
CA PRO C 62 -6.88 -2.37 -21.31
C PRO C 62 -6.40 -1.41 -22.43
N ASN C 63 -7.23 -0.40 -22.75
CA ASN C 63 -6.98 0.60 -23.82
C ASN C 63 -6.34 1.90 -23.33
N ILE C 64 -5.88 2.00 -22.08
CA ILE C 64 -5.01 3.14 -21.60
C ILE C 64 -3.64 2.56 -21.22
N VAL C 65 -2.54 3.17 -21.68
CA VAL C 65 -1.15 2.71 -21.38
C VAL C 65 -0.95 2.58 -19.86
N LYS C 66 -0.32 1.48 -19.43
CA LYS C 66 -0.06 1.18 -18.00
C LYS C 66 1.23 1.86 -17.55
N LEU C 67 1.16 2.62 -16.45
CA LEU C 67 2.35 3.13 -15.70
C LEU C 67 2.76 2.04 -14.71
N LEU C 68 4.04 1.65 -14.73
CA LEU C 68 4.57 0.45 -14.00
C LEU C 68 5.33 0.92 -12.78
N ASP C 69 5.92 2.12 -12.83
CA ASP C 69 6.71 2.67 -11.70
C ASP C 69 7.02 4.16 -11.91
N VAL C 70 7.57 4.78 -10.87
CA VAL C 70 8.14 6.16 -10.89
C VAL C 70 9.49 6.06 -10.19
N ILE C 71 10.49 6.85 -10.58
CA ILE C 71 11.86 6.75 -9.99
C ILE C 71 12.44 8.16 -9.75
N HIS C 72 12.79 8.43 -8.48
CA HIS C 72 13.80 9.41 -7.96
C HIS C 72 13.79 9.39 -6.43
N ASN C 75 18.63 12.24 -9.65
CA ASN C 75 18.44 13.72 -9.79
C ASN C 75 17.51 14.09 -10.94
N LYS C 76 17.27 13.16 -11.87
CA LYS C 76 16.18 13.21 -12.88
C LYS C 76 14.99 12.41 -12.33
N LEU C 77 13.82 12.50 -12.96
CA LEU C 77 12.62 11.66 -12.64
C LEU C 77 12.28 10.77 -13.85
N TYR C 78 12.12 9.46 -13.62
CA TYR C 78 11.84 8.45 -14.68
C TYR C 78 10.41 7.90 -14.48
N LEU C 79 9.59 7.95 -15.52
CA LEU C 79 8.29 7.22 -15.57
C LEU C 79 8.54 5.89 -16.29
N VAL C 80 8.09 4.79 -15.70
CA VAL C 80 8.24 3.43 -16.29
C VAL C 80 6.86 2.99 -16.76
N PHE C 81 6.75 2.75 -18.07
CA PHE C 81 5.50 2.32 -18.74
C PHE C 81 5.73 0.96 -19.39
N GLU C 82 4.67 0.16 -19.56
CA GLU C 82 4.69 -1.00 -20.49
C GLU C 82 5.15 -0.51 -21.87
N PHE C 83 5.81 -1.41 -22.61
CA PHE C 83 6.33 -1.11 -23.98
C PHE C 83 5.30 -1.65 -24.99
N LEU C 84 5.07 -0.82 -26.02
CA LEU C 84 4.41 -1.19 -27.31
C LEU C 84 5.32 -0.72 -28.46
N HIS C 85 5.50 -1.56 -29.50
CA HIS C 85 6.59 -1.40 -30.50
C HIS C 85 6.30 -0.25 -31.45
N GLN C 86 5.05 0.22 -31.50
CA GLN C 86 4.55 1.14 -32.55
C GLN C 86 3.60 2.23 -32.03
N ASP C 87 3.70 3.44 -32.61
CA ASP C 87 2.67 4.52 -32.50
C ASP C 87 1.81 4.55 -33.77
N LEU C 88 0.60 5.09 -33.71
CA LEU C 88 -0.38 5.01 -34.82
C LEU C 88 0.07 5.91 -35.99
N LYS C 89 0.98 6.87 -35.80
CA LYS C 89 1.54 7.68 -36.90
C LYS C 89 2.49 6.83 -37.75
N LYS C 90 3.50 6.18 -37.17
CA LYS C 90 4.45 5.28 -37.90
C LYS C 90 3.69 4.18 -38.64
N PHE C 91 2.55 3.74 -38.09
CA PHE C 91 1.67 2.71 -38.71
C PHE C 91 0.91 3.27 -39.92
N MET C 92 0.39 4.49 -39.81
CA MET C 92 -0.26 5.21 -40.92
C MET C 92 0.76 5.45 -42.04
N ASP C 93 1.97 5.91 -41.71
CA ASP C 93 3.06 6.21 -42.70
C ASP C 93 3.57 4.89 -43.31
N ALA C 94 3.17 3.74 -42.80
CA ALA C 94 3.57 2.40 -43.30
C ALA C 94 2.43 1.81 -44.13
N SER C 95 1.20 2.22 -43.88
CA SER C 95 0.00 1.77 -44.62
C SER C 95 -0.40 2.85 -45.63
N ALA C 96 0.47 3.84 -45.88
CA ALA C 96 0.13 5.01 -46.71
C ALA C 96 -0.33 4.50 -48.08
N LEU C 97 0.47 3.61 -48.65
CA LEU C 97 0.27 3.07 -50.02
C LEU C 97 -0.93 2.12 -50.00
N THR C 98 -0.89 1.05 -49.20
CA THR C 98 -1.91 -0.04 -49.07
C THR C 98 -3.29 0.46 -48.58
N GLY C 99 -3.27 1.36 -47.60
CA GLY C 99 -4.43 1.71 -46.76
C GLY C 99 -4.60 0.74 -45.60
N ILE C 100 -5.12 1.22 -44.47
CA ILE C 100 -5.43 0.36 -43.30
C ILE C 100 -6.75 -0.36 -43.58
N PRO C 101 -6.84 -1.67 -43.31
CA PRO C 101 -8.10 -2.42 -43.51
C PRO C 101 -9.32 -1.86 -42.73
N LEU C 102 -10.49 -1.87 -43.34
CA LEU C 102 -11.74 -1.31 -42.73
C LEU C 102 -11.98 -1.91 -41.34
N PRO C 103 -12.09 -3.24 -41.16
CA PRO C 103 -12.38 -3.80 -39.84
C PRO C 103 -11.28 -3.63 -38.76
N LEU C 104 -10.07 -3.19 -39.13
CA LEU C 104 -8.98 -2.74 -38.18
C LEU C 104 -9.21 -1.27 -37.76
N ILE C 105 -9.64 -0.42 -38.72
CA ILE C 105 -10.07 0.98 -38.45
C ILE C 105 -11.23 0.90 -37.47
N LYS C 106 -12.21 0.03 -37.70
CA LYS C 106 -13.37 -0.16 -36.77
C LYS C 106 -12.90 -0.66 -35.40
N SER C 107 -12.09 -1.71 -35.31
CA SER C 107 -11.50 -2.20 -34.04
C SER C 107 -10.74 -1.05 -33.34
N TYR C 108 -9.79 -0.39 -34.02
CA TYR C 108 -8.96 0.68 -33.43
C TYR C 108 -9.88 1.81 -32.94
N LEU C 109 -10.77 2.32 -33.78
CA LEU C 109 -11.67 3.38 -33.26
C LEU C 109 -12.35 2.85 -32.00
N PHE C 110 -13.07 1.73 -32.12
CA PHE C 110 -13.86 1.13 -31.01
C PHE C 110 -13.03 1.12 -29.72
N GLN C 111 -11.75 0.77 -29.81
CA GLN C 111 -10.84 0.63 -28.64
C GLN C 111 -10.51 2.03 -28.09
N LEU C 112 -10.28 3.04 -28.95
CA LEU C 112 -9.93 4.41 -28.50
C LEU C 112 -11.13 5.00 -27.78
N LEU C 113 -12.34 4.82 -28.33
CA LEU C 113 -13.59 5.30 -27.68
C LEU C 113 -13.76 4.65 -26.30
N GLN C 114 -13.32 3.41 -26.16
CA GLN C 114 -13.46 2.62 -24.91
C GLN C 114 -12.56 3.22 -23.81
N GLY C 115 -11.30 3.46 -24.13
CA GLY C 115 -10.38 4.10 -23.17
C GLY C 115 -10.86 5.49 -22.85
N LEU C 116 -11.19 6.28 -23.87
CA LEU C 116 -11.67 7.66 -23.72
C LEU C 116 -12.94 7.70 -22.85
N ALA C 117 -13.89 6.77 -23.02
CA ALA C 117 -15.12 6.70 -22.19
C ALA C 117 -14.70 6.53 -20.72
N PHE C 118 -13.86 5.56 -20.43
CA PHE C 118 -13.24 5.37 -19.10
C PHE C 118 -12.58 6.68 -18.62
N CYS C 119 -11.72 7.31 -19.42
CA CYS C 119 -11.07 8.56 -19.02
C CYS C 119 -12.14 9.52 -18.52
N HIS C 120 -13.09 9.83 -19.38
CA HIS C 120 -14.11 10.91 -19.16
C HIS C 120 -14.95 10.60 -17.92
N SER C 121 -15.32 9.34 -17.75
CA SER C 121 -16.18 8.85 -16.66
C SER C 121 -15.38 8.86 -15.34
N HIS C 122 -14.05 9.02 -15.44
CA HIS C 122 -13.15 9.29 -14.29
C HIS C 122 -12.69 10.75 -14.32
N ARG C 123 -13.54 11.64 -14.85
CA ARG C 123 -13.39 13.12 -14.85
C ARG C 123 -11.98 13.52 -15.31
N VAL C 124 -11.44 12.89 -16.35
CA VAL C 124 -10.10 13.25 -16.94
C VAL C 124 -10.26 13.66 -18.42
N LEU C 125 -9.70 14.79 -18.81
CA LEU C 125 -9.52 15.22 -20.21
C LEU C 125 -8.10 14.89 -20.63
N HIS C 126 -7.92 14.37 -21.85
CA HIS C 126 -6.58 14.06 -22.43
C HIS C 126 -5.94 15.32 -22.99
N ARG C 127 -6.67 16.05 -23.84
CA ARG C 127 -6.29 17.35 -24.44
C ARG C 127 -5.06 17.27 -25.35
N ASP C 128 -4.77 16.11 -25.95
CA ASP C 128 -3.63 15.96 -26.88
C ASP C 128 -3.77 14.68 -27.72
N LEU C 129 -4.99 14.20 -27.90
CA LEU C 129 -5.22 12.99 -28.71
C LEU C 129 -4.74 13.31 -30.14
N LYS C 130 -3.61 12.71 -30.52
CA LYS C 130 -3.09 12.70 -31.90
C LYS C 130 -2.42 11.37 -32.15
N PRO C 131 -2.30 10.89 -33.38
CA PRO C 131 -1.73 9.56 -33.61
C PRO C 131 -0.39 9.26 -32.91
N GLN C 132 0.53 10.24 -32.87
CA GLN C 132 1.91 10.08 -32.34
C GLN C 132 1.86 9.68 -30.86
N ASN C 133 0.71 9.89 -30.21
CA ASN C 133 0.46 9.68 -28.76
C ASN C 133 -0.45 8.48 -28.61
N LEU C 134 -0.79 7.78 -29.69
CA LEU C 134 -1.56 6.52 -29.57
C LEU C 134 -0.67 5.35 -30.01
N LEU C 135 -0.50 4.36 -29.11
CA LEU C 135 0.50 3.28 -29.19
C LEU C 135 -0.20 1.96 -29.53
N ILE C 136 0.43 1.14 -30.41
CA ILE C 136 -0.11 -0.20 -30.80
C ILE C 136 0.89 -1.33 -30.49
N ASN C 137 0.34 -2.50 -30.11
CA ASN C 137 1.10 -3.76 -29.85
C ASN C 137 0.88 -4.69 -31.05
N THR C 138 1.33 -5.95 -30.92
CA THR C 138 1.36 -6.99 -31.99
C THR C 138 0.06 -7.83 -31.96
N GLU C 139 -0.57 -7.97 -30.79
CA GLU C 139 -1.87 -8.68 -30.63
C GLU C 139 -3.05 -7.84 -31.13
N GLY C 140 -2.80 -6.55 -31.44
CA GLY C 140 -3.73 -5.66 -32.19
C GLY C 140 -4.52 -4.76 -31.27
N ALA C 141 -3.92 -4.38 -30.16
CA ALA C 141 -4.48 -3.44 -29.17
C ALA C 141 -3.96 -2.02 -29.48
N ILE C 142 -4.76 -1.01 -29.21
CA ILE C 142 -4.34 0.42 -29.28
C ILE C 142 -4.61 1.06 -27.92
N LYS C 143 -3.79 2.01 -27.49
CA LYS C 143 -3.83 2.56 -26.11
C LYS C 143 -3.53 4.07 -26.06
N LEU C 144 -4.33 4.81 -25.28
CA LEU C 144 -4.12 6.25 -25.07
C LEU C 144 -2.80 6.41 -24.34
N ALA C 145 -1.90 7.30 -24.80
CA ALA C 145 -0.58 7.64 -24.23
C ALA C 145 -0.36 9.16 -24.21
N ASP C 146 0.65 9.61 -23.46
CA ASP C 146 1.00 11.04 -23.26
C ASP C 146 -0.13 11.78 -22.54
N PHE C 147 -0.20 11.64 -21.21
CA PHE C 147 -1.23 12.30 -20.37
C PHE C 147 -0.61 13.51 -19.65
N GLY C 148 0.59 13.95 -20.03
CA GLY C 148 1.21 15.23 -19.57
C GLY C 148 0.39 16.50 -19.86
N LEU C 149 -0.43 16.50 -20.89
CA LEU C 149 -1.30 17.66 -21.21
C LEU C 149 -2.75 17.37 -20.81
N ALA C 150 -2.95 16.37 -19.96
CA ALA C 150 -4.26 16.00 -19.37
C ALA C 150 -4.59 16.84 -18.13
N ARG C 151 -5.80 16.59 -17.64
CA ARG C 151 -6.35 17.27 -16.46
C ARG C 151 -7.62 16.63 -15.92
N ALA C 152 -7.71 16.53 -14.60
CA ALA C 152 -8.99 16.23 -13.91
C ALA C 152 -9.86 17.48 -14.05
N PHE C 153 -11.15 17.32 -14.28
CA PHE C 153 -12.08 18.43 -14.61
C PHE C 153 -13.24 18.34 -13.63
N GLY C 154 -13.96 19.46 -13.42
CA GLY C 154 -15.10 19.51 -12.48
C GLY C 154 -16.42 19.49 -13.23
N VAL C 155 -17.53 19.32 -12.49
CA VAL C 155 -18.93 19.41 -13.03
C VAL C 155 -19.69 20.52 -12.29
N PRO C 156 -20.12 21.62 -12.96
CA PRO C 156 -19.81 21.87 -14.37
C PRO C 156 -18.33 22.29 -14.45
N VAL C 157 -17.75 22.26 -15.64
CA VAL C 157 -16.35 22.68 -15.91
C VAL C 157 -16.13 24.12 -15.43
N ARG C 158 -14.89 24.41 -15.10
CA ARG C 158 -14.37 25.79 -14.90
C ARG C 158 -13.46 26.11 -16.09
N THR C 159 -13.11 27.39 -16.29
CA THR C 159 -12.13 27.83 -17.33
C THR C 159 -10.76 27.17 -17.10
N TYR C 160 -10.19 26.55 -18.14
CA TYR C 160 -8.87 25.86 -18.11
C TYR C 160 -7.89 26.48 -19.11
N TPO C 161 -6.73 25.86 -19.28
CA TPO C 161 -5.71 26.38 -20.16
CB TPO C 161 -4.40 25.58 -19.96
CG2 TPO C 161 -3.19 26.27 -20.53
OG1 TPO C 161 -4.22 25.45 -18.51
P TPO C 161 -3.95 24.01 -17.86
O1P TPO C 161 -3.09 23.19 -18.90
O2P TPO C 161 -5.34 23.44 -17.71
O3P TPO C 161 -3.25 24.31 -16.53
C TPO C 161 -6.22 26.38 -21.61
O TPO C 161 -6.63 25.35 -22.12
N HIS C 162 -6.15 27.56 -22.27
CA HIS C 162 -6.54 27.71 -23.67
C HIS C 162 -5.52 27.13 -24.66
N GLU C 163 -4.22 27.25 -24.37
CA GLU C 163 -3.18 26.70 -25.30
C GLU C 163 -3.10 25.18 -25.16
N VAL C 164 -4.13 24.45 -25.66
CA VAL C 164 -4.23 22.97 -25.53
C VAL C 164 -4.60 22.37 -26.89
N VAL C 165 -4.17 21.12 -27.11
CA VAL C 165 -4.47 20.19 -28.26
C VAL C 165 -3.67 20.64 -29.48
N THR C 166 -3.10 19.70 -30.22
CA THR C 166 -2.35 19.96 -31.48
C THR C 166 -3.25 20.58 -32.55
N LEU C 167 -2.78 21.63 -33.25
CA LEU C 167 -3.61 22.44 -34.17
C LEU C 167 -4.48 21.50 -35.03
N TRP C 168 -3.90 20.50 -35.68
CA TRP C 168 -4.59 19.65 -36.69
C TRP C 168 -5.82 18.95 -36.09
N TYR C 169 -5.82 18.75 -34.78
CA TYR C 169 -6.85 18.00 -34.00
C TYR C 169 -7.57 18.92 -33.02
N ARG C 170 -7.30 20.24 -33.11
CA ARG C 170 -7.86 21.23 -32.16
C ARG C 170 -9.32 21.49 -32.53
N ALA C 171 -10.21 21.49 -31.53
CA ALA C 171 -11.67 21.61 -31.67
C ALA C 171 -12.07 23.08 -31.80
N PRO C 172 -13.12 23.41 -32.59
CA PRO C 172 -13.33 24.79 -33.05
C PRO C 172 -13.64 25.75 -31.90
N GLU C 173 -14.30 25.24 -30.87
CA GLU C 173 -14.59 26.01 -29.63
C GLU C 173 -13.28 26.43 -28.94
N ILE C 174 -12.15 25.80 -29.23
CA ILE C 174 -10.84 26.21 -28.63
C ILE C 174 -10.24 27.29 -29.51
N LEU C 175 -10.28 27.09 -30.81
CA LEU C 175 -9.80 28.06 -31.84
C LEU C 175 -10.56 29.39 -31.73
N LEU C 176 -11.88 29.35 -31.48
CA LEU C 176 -12.75 30.54 -31.31
C LEU C 176 -12.64 31.04 -29.85
N GLY C 177 -11.91 30.32 -29.01
CA GLY C 177 -11.55 30.75 -27.65
C GLY C 177 -12.74 30.84 -26.71
N CYS C 178 -13.60 29.82 -26.71
CA CYS C 178 -14.71 29.68 -25.71
C CYS C 178 -14.07 29.67 -24.32
N LYS C 179 -14.66 30.41 -23.38
CA LYS C 179 -14.23 30.46 -21.96
C LYS C 179 -14.26 29.03 -21.36
N TYR C 180 -15.30 28.25 -21.71
CA TYR C 180 -15.53 26.88 -21.21
C TYR C 180 -15.36 25.85 -22.34
N TYR C 181 -14.68 24.76 -22.03
CA TYR C 181 -14.50 23.60 -22.93
C TYR C 181 -14.29 22.36 -22.06
N SER C 182 -14.55 21.18 -22.64
CA SER C 182 -14.54 19.91 -21.88
C SER C 182 -14.31 18.69 -22.78
N THR C 183 -15.03 17.61 -22.48
CA THR C 183 -14.94 16.26 -23.13
C THR C 183 -15.11 16.27 -24.66
N ALA C 184 -15.97 17.13 -25.19
CA ALA C 184 -16.24 17.22 -26.63
C ALA C 184 -14.89 17.37 -27.34
N VAL C 185 -13.96 18.11 -26.74
CA VAL C 185 -12.69 18.55 -27.38
C VAL C 185 -11.91 17.34 -27.84
N ASP C 186 -12.00 16.25 -27.06
CA ASP C 186 -11.33 14.94 -27.22
C ASP C 186 -12.09 14.13 -28.28
N ILE C 187 -13.42 14.15 -28.25
CA ILE C 187 -14.23 13.51 -29.33
C ILE C 187 -13.88 14.12 -30.71
N TRP C 188 -13.87 15.43 -30.83
CA TRP C 188 -13.35 16.11 -32.02
C TRP C 188 -12.04 15.41 -32.40
N SER C 189 -11.05 15.40 -31.53
CA SER C 189 -9.70 14.93 -31.89
C SER C 189 -9.84 13.58 -32.63
N LEU C 190 -10.64 12.66 -32.08
CA LEU C 190 -10.77 11.26 -32.57
C LEU C 190 -11.47 11.28 -33.94
N GLY C 191 -12.45 12.15 -34.11
CA GLY C 191 -13.07 12.35 -35.43
C GLY C 191 -12.00 12.59 -36.46
N CYS C 192 -11.11 13.54 -36.15
CA CYS C 192 -10.03 13.98 -37.05
C CYS C 192 -9.08 12.80 -37.29
N ILE C 193 -8.91 11.95 -36.25
CA ILE C 193 -8.12 10.70 -36.35
C ILE C 193 -8.88 9.65 -37.20
N PHE C 194 -10.15 9.37 -36.89
CA PHE C 194 -10.98 8.37 -37.59
C PHE C 194 -10.81 8.60 -39.11
N ALA C 195 -11.06 9.84 -39.52
CA ALA C 195 -10.92 10.31 -40.91
C ALA C 195 -9.49 10.06 -41.42
N GLU C 196 -8.46 10.29 -40.58
CA GLU C 196 -7.04 10.21 -40.99
C GLU C 196 -6.64 8.74 -41.22
N MET C 197 -7.36 7.79 -40.63
CA MET C 197 -7.12 6.35 -40.93
C MET C 197 -7.84 5.98 -42.25
N VAL C 198 -9.08 6.44 -42.42
CA VAL C 198 -9.99 6.08 -43.56
C VAL C 198 -9.33 6.53 -44.86
N THR C 199 -8.77 7.74 -44.88
CA THR C 199 -8.27 8.41 -46.10
C THR C 199 -6.75 8.61 -46.01
N ARG C 200 -6.08 8.02 -45.04
CA ARG C 200 -4.60 7.98 -45.03
C ARG C 200 -4.02 9.38 -45.24
N ARG C 201 -4.75 10.42 -44.80
CA ARG C 201 -4.33 11.86 -44.86
C ARG C 201 -4.95 12.64 -43.67
N ALA C 202 -4.15 13.53 -43.10
CA ALA C 202 -4.57 14.52 -42.08
C ALA C 202 -5.83 15.23 -42.60
N LEU C 203 -6.93 15.22 -41.85
CA LEU C 203 -8.21 15.82 -42.34
C LEU C 203 -8.06 17.35 -42.45
N PHE C 204 -7.47 18.01 -41.44
CA PHE C 204 -7.46 19.49 -41.31
C PHE C 204 -6.04 20.02 -41.06
N PRO C 205 -5.09 19.91 -42.02
CA PRO C 205 -3.68 20.25 -41.75
C PRO C 205 -3.26 21.72 -41.85
N GLY C 206 -3.85 22.56 -41.01
CA GLY C 206 -3.68 24.02 -41.02
C GLY C 206 -2.36 24.44 -40.44
N ASP C 207 -1.80 25.54 -40.94
CA ASP C 207 -0.46 26.08 -40.53
C ASP C 207 -0.68 27.13 -39.43
N SER C 208 -1.87 27.70 -39.32
CA SER C 208 -2.19 28.76 -38.32
C SER C 208 -3.55 28.48 -37.70
N GLU C 209 -3.82 29.15 -36.58
CA GLU C 209 -5.13 29.13 -35.90
C GLU C 209 -6.22 29.61 -36.90
N ILE C 210 -5.89 30.56 -37.76
CA ILE C 210 -6.87 31.08 -38.75
C ILE C 210 -7.04 30.03 -39.85
N ASP C 211 -5.95 29.48 -40.37
CA ASP C 211 -6.00 28.48 -41.47
C ASP C 211 -6.79 27.25 -40.98
N GLN C 212 -6.49 26.80 -39.77
CA GLN C 212 -7.14 25.60 -39.17
C GLN C 212 -8.65 25.80 -39.15
N LEU C 213 -9.11 26.94 -38.65
CA LEU C 213 -10.54 27.29 -38.65
C LEU C 213 -11.06 27.14 -40.07
N PHE C 214 -10.40 27.80 -41.02
CA PHE C 214 -10.90 27.96 -42.41
C PHE C 214 -10.95 26.58 -43.09
N ARG C 215 -9.96 25.73 -42.80
CA ARG C 215 -9.88 24.35 -43.35
C ARG C 215 -11.11 23.56 -42.88
N ILE C 216 -11.58 23.83 -41.65
CA ILE C 216 -12.77 23.16 -41.04
C ILE C 216 -14.03 23.71 -41.73
N PHE C 217 -14.18 25.04 -41.74
CA PHE C 217 -15.33 25.77 -42.37
C PHE C 217 -15.49 25.31 -43.81
N ARG C 218 -14.41 25.36 -44.60
CA ARG C 218 -14.39 24.93 -46.03
C ARG C 218 -14.88 23.48 -46.19
N THR C 219 -14.78 22.63 -45.14
CA THR C 219 -15.22 21.20 -45.17
C THR C 219 -16.62 21.03 -44.53
N LEU C 220 -16.85 21.56 -43.33
CA LEU C 220 -18.11 21.26 -42.59
C LEU C 220 -19.08 22.42 -42.74
N GLY C 221 -18.73 23.42 -43.54
CA GLY C 221 -19.53 24.64 -43.73
C GLY C 221 -19.26 25.59 -42.59
N THR C 222 -19.42 26.89 -42.83
CA THR C 222 -19.13 27.98 -41.85
C THR C 222 -20.28 28.03 -40.87
N PRO C 223 -20.04 27.80 -39.56
CA PRO C 223 -21.13 27.74 -38.59
C PRO C 223 -21.83 29.10 -38.52
N ASP C 224 -23.15 29.07 -38.31
CA ASP C 224 -24.02 30.24 -38.05
C ASP C 224 -24.74 29.95 -36.73
N GLU C 225 -25.62 30.86 -36.31
CA GLU C 225 -26.31 30.80 -35.00
C GLU C 225 -27.28 29.61 -34.98
N VAL C 226 -27.58 28.99 -36.13
CA VAL C 226 -28.61 27.91 -36.28
C VAL C 226 -27.94 26.54 -36.09
N VAL C 227 -26.75 26.38 -36.64
CA VAL C 227 -25.91 25.17 -36.39
C VAL C 227 -25.49 25.22 -34.91
N TRP C 228 -24.95 26.36 -34.46
CA TRP C 228 -24.16 26.46 -33.18
C TRP C 228 -24.49 27.74 -32.44
N PRO C 229 -25.61 27.75 -31.70
CA PRO C 229 -26.05 28.96 -31.03
C PRO C 229 -24.99 29.51 -30.08
N GLY C 230 -24.77 30.83 -30.12
CA GLY C 230 -23.74 31.51 -29.33
C GLY C 230 -22.46 31.75 -30.12
N VAL C 231 -22.28 31.11 -31.30
CA VAL C 231 -20.95 31.08 -32.00
C VAL C 231 -20.58 32.52 -32.39
N THR C 232 -21.50 33.29 -32.95
CA THR C 232 -21.22 34.63 -33.53
C THR C 232 -20.88 35.64 -32.43
N SER C 233 -21.00 35.26 -31.15
CA SER C 233 -20.56 36.09 -30.00
C SER C 233 -19.53 35.31 -29.18
N MET C 234 -18.59 34.63 -29.84
CA MET C 234 -17.41 33.97 -29.21
C MET C 234 -16.19 34.86 -29.39
N PRO C 235 -15.25 34.91 -28.43
CA PRO C 235 -14.20 35.93 -28.43
C PRO C 235 -13.38 36.14 -29.72
N ASP C 236 -13.17 35.12 -30.55
CA ASP C 236 -12.33 35.28 -31.77
C ASP C 236 -13.15 35.00 -33.04
N TYR C 237 -14.48 34.89 -32.91
CA TYR C 237 -15.39 34.81 -34.07
C TYR C 237 -15.44 36.21 -34.68
N LYS C 238 -15.11 36.32 -35.97
CA LYS C 238 -15.26 37.59 -36.73
C LYS C 238 -16.44 37.43 -37.68
N PRO C 239 -17.40 38.38 -37.75
CA PRO C 239 -18.49 38.29 -38.73
C PRO C 239 -18.00 38.39 -40.20
N SER C 240 -16.75 38.73 -40.43
CA SER C 240 -16.15 38.89 -41.79
C SER C 240 -15.84 37.52 -42.43
N PHE C 241 -15.81 36.43 -41.63
CA PHE C 241 -15.39 35.08 -42.09
C PHE C 241 -16.18 34.68 -43.33
N PRO C 242 -15.53 34.14 -44.38
CA PRO C 242 -16.22 33.56 -45.52
C PRO C 242 -17.22 32.51 -45.06
N LYS C 243 -18.46 32.63 -45.51
CA LYS C 243 -19.51 31.61 -45.33
C LYS C 243 -19.38 30.61 -46.47
N TRP C 244 -18.63 29.52 -46.25
CA TRP C 244 -18.52 28.38 -47.19
C TRP C 244 -19.66 27.44 -46.93
N ALA C 245 -20.08 26.70 -47.95
CA ALA C 245 -21.16 25.68 -47.84
C ALA C 245 -20.56 24.39 -47.27
N ARG C 246 -21.40 23.56 -46.65
CA ARG C 246 -21.02 22.21 -46.16
C ARG C 246 -20.78 21.30 -47.35
N GLN C 247 -19.69 20.53 -47.36
CA GLN C 247 -19.42 19.50 -48.40
C GLN C 247 -20.23 18.24 -48.10
N ASP C 248 -20.48 17.43 -49.14
CA ASP C 248 -21.02 16.04 -49.05
C ASP C 248 -19.91 15.12 -48.51
N PHE C 249 -20.24 14.23 -47.58
CA PHE C 249 -19.27 13.29 -46.94
C PHE C 249 -18.95 12.15 -47.92
N SER C 250 -19.71 12.04 -49.01
CA SER C 250 -19.36 11.29 -50.25
C SER C 250 -17.92 11.62 -50.69
N LYS C 251 -17.60 12.91 -50.71
CA LYS C 251 -16.35 13.49 -51.26
C LYS C 251 -15.26 13.47 -50.19
N VAL C 252 -15.60 13.74 -48.91
CA VAL C 252 -14.63 14.00 -47.80
C VAL C 252 -14.01 12.69 -47.28
N VAL C 253 -14.84 11.66 -47.08
CA VAL C 253 -14.44 10.26 -46.74
C VAL C 253 -15.07 9.32 -47.77
N PRO C 254 -14.48 9.21 -48.97
CA PRO C 254 -15.05 8.39 -50.06
C PRO C 254 -15.18 6.90 -49.73
N PRO C 255 -14.15 6.25 -49.14
CA PRO C 255 -14.26 4.87 -48.72
C PRO C 255 -15.34 4.49 -47.69
N LEU C 256 -15.81 5.43 -46.88
CA LEU C 256 -16.56 5.14 -45.61
C LEU C 256 -18.05 4.83 -45.90
N ASP C 257 -18.59 3.74 -45.33
CA ASP C 257 -19.99 3.28 -45.52
C ASP C 257 -20.95 4.33 -44.91
N GLU C 258 -22.26 4.11 -45.02
CA GLU C 258 -23.33 5.04 -44.54
C GLU C 258 -23.32 5.18 -42.99
N ASP C 259 -23.12 4.09 -42.26
CA ASP C 259 -22.99 4.09 -40.78
C ASP C 259 -21.69 4.81 -40.39
N GLY C 260 -20.58 4.44 -41.05
CA GLY C 260 -19.30 5.17 -40.89
C GLY C 260 -19.48 6.68 -40.96
N ARG C 261 -20.20 7.16 -41.97
CA ARG C 261 -20.45 8.62 -42.21
C ARG C 261 -21.29 9.20 -41.06
N SER C 262 -22.37 8.50 -40.69
CA SER C 262 -23.31 8.93 -39.63
C SER C 262 -22.51 9.18 -38.34
N LEU C 263 -21.66 8.23 -37.96
CA LEU C 263 -20.83 8.34 -36.74
C LEU C 263 -19.90 9.57 -36.85
N LEU C 264 -19.30 9.82 -38.02
CA LEU C 264 -18.18 10.81 -38.15
C LEU C 264 -18.76 12.22 -38.07
N SER C 265 -19.92 12.45 -38.70
CA SER C 265 -20.55 13.80 -38.67
C SER C 265 -20.91 14.11 -37.21
N GLN C 266 -21.47 13.12 -36.52
CA GLN C 266 -21.90 13.26 -35.12
C GLN C 266 -20.67 13.59 -34.24
N MET C 267 -19.51 13.03 -34.57
CA MET C 267 -18.24 13.24 -33.83
C MET C 267 -17.67 14.62 -34.19
N LEU C 268 -18.00 15.14 -35.37
CA LEU C 268 -17.47 16.47 -35.84
C LEU C 268 -18.54 17.58 -35.76
N HIS C 269 -19.64 17.41 -35.04
CA HIS C 269 -20.60 18.50 -34.74
C HIS C 269 -19.83 19.76 -34.33
N TYR C 270 -20.38 20.92 -34.66
CA TYR C 270 -19.86 22.25 -34.28
C TYR C 270 -20.18 22.50 -32.80
N ASP C 271 -21.47 22.37 -32.45
CA ASP C 271 -21.99 22.64 -31.09
C ASP C 271 -21.51 21.52 -30.17
N PRO C 272 -20.58 21.81 -29.22
CA PRO C 272 -20.03 20.79 -28.33
C PRO C 272 -21.12 20.10 -27.50
N ASN C 273 -22.24 20.77 -27.24
CA ASN C 273 -23.30 20.18 -26.38
C ASN C 273 -24.10 19.16 -27.17
N LYS C 274 -23.87 19.11 -28.48
CA LYS C 274 -24.56 18.17 -29.40
C LYS C 274 -23.63 17.08 -29.92
N ARG C 275 -22.33 17.34 -29.97
CA ARG C 275 -21.31 16.30 -30.30
C ARG C 275 -21.63 15.00 -29.55
N ILE C 276 -21.41 13.85 -30.18
CA ILE C 276 -21.68 12.52 -29.58
C ILE C 276 -20.61 12.24 -28.51
N SER C 277 -20.99 11.64 -27.38
CA SER C 277 -20.05 11.32 -26.29
C SER C 277 -19.32 10.03 -26.65
N ALA C 278 -18.24 9.72 -25.94
CA ALA C 278 -17.50 8.46 -26.05
C ALA C 278 -18.45 7.32 -25.72
N LYS C 279 -19.39 7.53 -24.81
CA LYS C 279 -20.27 6.42 -24.31
C LYS C 279 -21.27 6.05 -25.41
N ALA C 280 -21.87 7.07 -26.03
CA ALA C 280 -22.95 6.96 -27.05
C ALA C 280 -22.38 6.38 -28.36
N ALA C 281 -21.20 6.89 -28.76
CA ALA C 281 -20.43 6.50 -29.95
C ALA C 281 -20.20 4.98 -29.95
N LEU C 282 -19.82 4.45 -28.80
CA LEU C 282 -19.58 3.00 -28.64
C LEU C 282 -20.84 2.22 -29.03
N ALA C 283 -22.02 2.80 -28.84
CA ALA C 283 -23.31 2.07 -29.03
C ALA C 283 -23.86 2.39 -30.42
N HIS C 284 -23.07 3.00 -31.32
CA HIS C 284 -23.53 3.38 -32.69
C HIS C 284 -23.49 2.16 -33.62
N PRO C 285 -24.43 2.07 -34.62
CA PRO C 285 -24.54 0.90 -35.49
C PRO C 285 -23.30 0.61 -36.37
N PHE C 286 -22.44 1.58 -36.60
CA PHE C 286 -21.08 1.38 -37.18
C PHE C 286 -20.35 0.24 -36.47
N PHE C 287 -20.60 0.03 -35.17
CA PHE C 287 -19.85 -0.96 -34.33
C PHE C 287 -20.65 -2.28 -34.15
N GLN C 288 -21.56 -2.59 -35.06
CA GLN C 288 -22.51 -3.72 -34.95
C GLN C 288 -21.80 -5.08 -35.17
N ASP C 289 -20.76 -5.15 -36.03
CA ASP C 289 -19.96 -6.38 -36.26
C ASP C 289 -18.46 -6.11 -36.10
N VAL C 290 -18.05 -5.66 -34.94
CA VAL C 290 -16.63 -5.28 -34.68
C VAL C 290 -15.87 -6.55 -34.25
N THR C 291 -14.58 -6.64 -34.60
CA THR C 291 -13.67 -7.76 -34.24
C THR C 291 -12.35 -7.18 -33.70
N LYS C 292 -11.31 -8.02 -33.52
CA LYS C 292 -9.92 -7.60 -33.11
C LYS C 292 -8.89 -8.14 -34.10
N PRO C 293 -8.72 -7.54 -35.29
CA PRO C 293 -7.64 -7.97 -36.18
C PRO C 293 -6.22 -7.61 -35.67
N VAL C 294 -5.19 -7.77 -36.53
CA VAL C 294 -3.75 -7.44 -36.28
C VAL C 294 -3.13 -6.78 -37.52
N ASP D 3 -24.43 14.20 -21.02
CA ASP D 3 -23.67 14.26 -19.75
C ASP D 3 -23.66 12.87 -19.12
N TYR D 4 -22.55 12.46 -18.48
CA TYR D 4 -22.39 11.19 -17.70
C TYR D 4 -21.76 11.51 -16.33
N HIS D 5 -22.41 12.47 -15.69
CA HIS D 5 -22.07 12.97 -14.33
C HIS D 5 -22.25 11.83 -13.36
N GLU D 6 -23.34 11.04 -13.50
CA GLU D 6 -23.68 9.96 -12.56
C GLU D 6 -22.45 9.06 -12.44
N ASP D 7 -21.79 8.74 -13.57
CA ASP D 7 -20.56 7.92 -13.57
C ASP D 7 -19.55 8.58 -12.62
N ILE D 8 -19.29 9.87 -12.84
CA ILE D 8 -18.25 10.65 -12.10
C ILE D 8 -18.64 10.72 -10.61
N HIS D 9 -19.89 11.06 -10.30
CA HIS D 9 -20.39 11.17 -8.91
C HIS D 9 -20.10 9.86 -8.16
N THR D 10 -20.46 8.72 -8.75
CA THR D 10 -20.19 7.38 -8.17
C THR D 10 -18.69 7.21 -7.90
N TYR D 11 -17.84 7.52 -8.88
CA TYR D 11 -16.36 7.44 -8.76
C TYR D 11 -15.87 8.34 -7.61
N LEU D 12 -16.34 9.60 -7.54
CA LEU D 12 -15.88 10.61 -6.54
C LEU D 12 -16.22 10.12 -5.12
N ARG D 13 -17.44 9.59 -4.93
CA ARG D 13 -17.94 9.04 -3.64
C ARG D 13 -17.08 7.86 -3.18
N GLU D 14 -16.64 7.04 -4.12
CA GLU D 14 -15.76 5.88 -3.91
C GLU D 14 -14.34 6.35 -3.49
N MET D 15 -13.81 7.38 -4.16
CA MET D 15 -12.40 7.84 -3.98
C MET D 15 -12.29 8.78 -2.77
N GLU D 16 -13.41 9.26 -2.24
CA GLU D 16 -13.36 10.22 -1.11
C GLU D 16 -13.08 9.42 0.17
N VAL D 17 -13.46 8.13 0.19
CA VAL D 17 -13.19 7.19 1.33
C VAL D 17 -11.72 6.74 1.28
N LYS D 18 -11.14 6.53 0.11
CA LYS D 18 -9.72 6.09 -0.06
C LYS D 18 -8.76 7.27 0.21
N CYS D 19 -9.20 8.52 -0.02
CA CYS D 19 -8.33 9.74 0.06
C CYS D 19 -8.50 10.40 1.45
N LYS D 20 -9.48 9.92 2.23
CA LYS D 20 -9.86 10.49 3.55
C LYS D 20 -8.73 10.24 4.55
N PRO D 21 -8.26 11.27 5.30
CA PRO D 21 -7.20 11.09 6.30
C PRO D 21 -7.68 10.41 7.59
N LYS D 22 -6.73 9.87 8.36
CA LYS D 22 -6.97 9.15 9.65
C LYS D 22 -7.64 10.11 10.65
N VAL D 23 -8.81 9.73 11.16
CA VAL D 23 -9.70 10.57 12.01
C VAL D 23 -8.92 11.24 13.14
N GLY D 24 -8.17 10.47 13.94
CA GLY D 24 -7.65 10.96 15.24
C GLY D 24 -6.18 11.32 15.24
N TYR D 25 -5.57 11.55 14.07
CA TYR D 25 -4.09 11.60 13.88
C TYR D 25 -3.45 12.72 14.73
N MET D 26 -4.27 13.67 15.19
CA MET D 26 -3.75 14.84 15.94
C MET D 26 -3.22 14.36 17.31
N LYS D 27 -4.00 13.55 18.04
CA LYS D 27 -3.59 12.93 19.33
C LYS D 27 -2.19 12.32 19.22
N LYS D 28 -1.93 11.55 18.16
CA LYS D 28 -0.63 10.87 17.91
C LYS D 28 0.48 11.92 17.70
N GLN D 29 0.16 13.13 17.23
CA GLN D 29 1.18 14.16 16.89
C GLN D 29 1.74 14.69 18.21
N PRO D 30 3.06 14.59 18.45
CA PRO D 30 3.63 15.06 19.71
C PRO D 30 3.69 16.60 19.82
N ASP D 31 4.23 17.33 18.83
CA ASP D 31 4.60 18.78 18.96
C ASP D 31 3.60 19.69 18.25
N ILE D 32 2.50 19.14 17.72
CA ILE D 32 1.50 19.90 16.90
C ILE D 32 0.13 19.64 17.48
N THR D 33 -0.83 20.52 17.18
CA THR D 33 -2.21 20.55 17.75
C THR D 33 -3.21 21.06 16.70
N ASN D 34 -4.51 20.86 16.94
CA ASN D 34 -5.63 21.48 16.17
C ASN D 34 -5.48 23.01 16.05
N SER D 35 -5.06 23.69 17.11
CA SER D 35 -4.93 25.16 17.12
C SER D 35 -3.89 25.57 16.06
N MET D 36 -2.75 24.87 16.04
CA MET D 36 -1.61 25.16 15.13
C MET D 36 -1.98 24.85 13.68
N ARG D 37 -2.77 23.79 13.47
CA ARG D 37 -3.33 23.39 12.16
C ARG D 37 -4.23 24.53 11.64
N ALA D 38 -5.12 25.06 12.49
CA ALA D 38 -6.14 26.01 12.07
C ALA D 38 -5.48 27.33 11.66
N ILE D 39 -4.44 27.75 12.40
CA ILE D 39 -3.59 28.92 12.03
C ILE D 39 -2.96 28.66 10.65
N LEU D 40 -2.38 27.48 10.42
CA LEU D 40 -1.75 27.14 9.11
C LEU D 40 -2.79 27.27 7.99
N VAL D 41 -4.00 26.76 8.20
CA VAL D 41 -5.08 26.68 7.18
C VAL D 41 -5.58 28.10 6.85
N ASP D 42 -5.89 28.90 7.87
CA ASP D 42 -6.31 30.32 7.73
C ASP D 42 -5.25 31.07 6.94
N TRP D 43 -3.95 30.83 7.18
CA TRP D 43 -2.81 31.48 6.49
C TRP D 43 -2.90 31.17 4.99
N LEU D 44 -3.20 29.91 4.68
CA LEU D 44 -3.29 29.47 3.28
C LEU D 44 -4.49 30.12 2.59
N VAL D 45 -5.56 30.46 3.31
CA VAL D 45 -6.68 31.27 2.74
C VAL D 45 -6.10 32.63 2.32
N GLU D 46 -5.35 33.29 3.19
CA GLU D 46 -4.68 34.59 2.89
C GLU D 46 -3.75 34.37 1.71
N VAL D 47 -2.97 33.33 1.68
CA VAL D 47 -2.11 33.07 0.50
C VAL D 47 -3.01 32.89 -0.74
N GLY D 48 -4.14 32.22 -0.53
CA GLY D 48 -5.10 31.85 -1.59
C GLY D 48 -5.67 33.06 -2.23
N GLU D 49 -6.11 34.01 -1.41
CA GLU D 49 -6.73 35.31 -1.82
C GLU D 49 -5.66 36.28 -2.33
N GLU D 50 -4.49 36.38 -1.72
CA GLU D 50 -3.37 37.24 -2.20
C GLU D 50 -2.91 36.83 -3.61
N TYR D 51 -2.70 35.53 -3.88
CA TYR D 51 -2.22 34.98 -5.19
C TYR D 51 -3.38 34.54 -6.10
N LYS D 52 -4.55 35.18 -5.92
CA LYS D 52 -5.80 34.99 -6.71
C LYS D 52 -5.93 33.52 -7.19
N LEU D 53 -5.81 32.53 -6.30
CA LEU D 53 -5.96 31.10 -6.62
C LEU D 53 -7.40 30.62 -6.40
N GLN D 54 -7.74 29.52 -7.06
CA GLN D 54 -9.06 28.86 -7.00
C GLN D 54 -9.34 28.46 -5.56
N ASN D 55 -10.62 28.31 -5.22
CA ASN D 55 -11.10 27.58 -4.00
C ASN D 55 -10.73 26.08 -4.03
N GLU D 56 -10.70 25.43 -5.20
CA GLU D 56 -10.22 24.03 -5.33
C GLU D 56 -8.79 23.97 -4.77
N THR D 57 -7.90 24.85 -5.22
CA THR D 57 -6.45 24.78 -4.88
C THR D 57 -6.32 24.71 -3.36
N LEU D 58 -6.94 25.63 -2.63
CA LEU D 58 -6.96 25.58 -1.15
C LEU D 58 -7.47 24.20 -0.74
N HIS D 59 -8.73 23.85 -0.98
CA HIS D 59 -9.30 22.57 -0.51
C HIS D 59 -8.33 21.40 -0.71
N LEU D 60 -7.59 21.41 -1.83
CA LEU D 60 -6.70 20.30 -2.24
C LEU D 60 -5.46 20.27 -1.34
N ALA D 61 -4.87 21.41 -1.03
CA ALA D 61 -3.64 21.49 -0.20
C ALA D 61 -3.91 20.99 1.23
N VAL D 62 -5.08 21.32 1.76
CA VAL D 62 -5.44 20.90 3.15
C VAL D 62 -5.56 19.35 3.18
N ASN D 63 -6.15 18.76 2.15
CA ASN D 63 -6.33 17.28 2.07
C ASN D 63 -4.94 16.65 2.00
N TYR D 64 -4.05 17.23 1.20
CA TYR D 64 -2.62 16.82 1.16
C TYR D 64 -2.02 16.98 2.56
N ILE D 65 -2.23 18.13 3.20
CA ILE D 65 -1.73 18.41 4.58
C ILE D 65 -2.18 17.28 5.53
N ASP D 66 -3.48 17.00 5.65
CA ASP D 66 -4.06 16.02 6.63
C ASP D 66 -3.60 14.56 6.31
N ARG D 67 -3.57 14.20 5.03
CA ARG D 67 -3.04 12.90 4.58
C ARG D 67 -1.58 12.78 5.04
N PHE D 68 -0.79 13.82 4.89
CA PHE D 68 0.66 13.74 5.18
C PHE D 68 0.83 13.58 6.70
N LEU D 69 0.13 14.41 7.50
CA LEU D 69 0.30 14.40 8.99
C LEU D 69 -0.28 13.11 9.58
N SER D 70 -1.10 12.38 8.81
CA SER D 70 -1.71 11.12 9.29
C SER D 70 -0.69 9.97 9.25
N SER D 71 0.55 10.24 8.81
CA SER D 71 1.58 9.17 8.76
C SER D 71 2.99 9.76 8.83
N MET D 72 3.13 11.01 9.27
CA MET D 72 4.45 11.69 9.40
C MET D 72 4.37 12.61 10.63
N SER D 73 5.29 12.44 11.57
CA SER D 73 5.49 13.35 12.74
C SER D 73 6.18 14.63 12.24
N VAL D 74 5.63 15.78 12.65
CA VAL D 74 6.18 17.11 12.30
C VAL D 74 6.25 17.92 13.58
N LEU D 75 7.33 18.70 13.72
CA LEU D 75 7.55 19.72 14.80
C LEU D 75 6.96 21.06 14.34
N ARG D 76 6.59 21.91 15.29
CA ARG D 76 5.94 23.23 15.05
C ARG D 76 6.71 24.04 14.01
N GLY D 77 8.03 24.12 14.18
CA GLY D 77 8.91 24.92 13.30
C GLY D 77 8.90 24.42 11.87
N LYS D 78 8.23 23.30 11.60
CA LYS D 78 8.26 22.62 10.27
C LYS D 78 6.85 22.58 9.64
N LEU D 79 5.78 22.78 10.41
CA LEU D 79 4.40 22.78 9.88
C LEU D 79 4.24 23.83 8.78
N GLN D 80 4.97 24.95 8.80
CA GLN D 80 4.75 25.97 7.74
C GLN D 80 5.33 25.47 6.40
N LEU D 81 6.34 24.60 6.43
CA LEU D 81 7.01 24.05 5.22
C LEU D 81 6.13 23.02 4.53
N VAL D 82 5.50 22.15 5.33
CA VAL D 82 4.59 21.09 4.84
C VAL D 82 3.43 21.74 4.08
N GLY D 83 2.71 22.67 4.71
CA GLY D 83 1.55 23.34 4.09
C GLY D 83 1.94 24.27 2.93
N THR D 84 3.17 24.79 2.86
CA THR D 84 3.73 25.59 1.71
C THR D 84 3.91 24.63 0.52
N ALA D 85 4.65 23.56 0.74
CA ALA D 85 4.92 22.51 -0.25
C ALA D 85 3.59 21.89 -0.67
N ALA D 86 2.61 21.81 0.23
CA ALA D 86 1.25 21.28 -0.11
C ALA D 86 0.58 22.24 -1.08
N MET D 87 0.63 23.55 -0.82
CA MET D 87 -0.07 24.55 -1.67
C MET D 87 0.60 24.58 -3.04
N LEU D 88 1.92 24.43 -3.10
CA LEU D 88 2.72 24.47 -4.37
C LEU D 88 2.29 23.31 -5.28
N LEU D 89 2.05 22.16 -4.70
CA LEU D 89 1.63 20.95 -5.44
C LEU D 89 0.18 21.13 -5.89
N ALA D 90 -0.68 21.58 -4.98
CA ALA D 90 -2.12 21.76 -5.27
C ALA D 90 -2.18 22.85 -6.35
N SER D 91 -1.26 23.78 -6.32
CA SER D 91 -1.16 24.85 -7.36
C SER D 91 -0.73 24.23 -8.71
N LYS D 92 0.44 23.56 -8.72
CA LYS D 92 1.00 22.89 -9.93
C LYS D 92 -0.08 22.04 -10.58
N PHE D 93 -0.97 21.43 -9.77
CA PHE D 93 -2.00 20.45 -10.25
C PHE D 93 -3.22 21.17 -10.86
N GLU D 94 -3.78 22.17 -10.14
CA GLU D 94 -5.19 22.66 -10.25
C GLU D 94 -5.29 23.98 -11.04
N GLU D 95 -4.17 24.70 -11.19
CA GLU D 95 -4.12 26.14 -11.54
C GLU D 95 -3.61 26.28 -12.95
N ILE D 96 -4.20 27.18 -13.75
CA ILE D 96 -3.66 27.48 -15.11
C ILE D 96 -2.23 28.06 -14.95
N TYR D 97 -2.04 29.06 -14.07
CA TYR D 97 -0.72 29.74 -13.82
C TYR D 97 -0.34 29.52 -12.36
N PRO D 98 0.41 28.44 -12.03
CA PRO D 98 0.80 28.19 -10.65
C PRO D 98 1.88 29.20 -10.25
N PRO D 99 1.84 29.78 -9.02
CA PRO D 99 2.88 30.73 -8.62
C PRO D 99 4.18 29.94 -8.56
N GLU D 100 5.29 30.63 -8.87
CA GLU D 100 6.63 30.00 -8.91
C GLU D 100 7.15 29.77 -7.48
N VAL D 101 8.29 29.10 -7.34
CA VAL D 101 8.77 28.59 -6.04
C VAL D 101 9.15 29.83 -5.23
N ALA D 102 9.94 30.69 -5.85
CA ALA D 102 10.60 31.84 -5.21
C ALA D 102 9.50 32.77 -4.64
N GLU D 103 8.28 32.69 -5.17
CA GLU D 103 7.10 33.46 -4.64
C GLU D 103 6.61 32.77 -3.38
N PHE D 104 6.39 31.46 -3.46
CA PHE D 104 6.01 30.60 -2.30
C PHE D 104 7.02 30.79 -1.15
N VAL D 105 8.29 31.04 -1.47
CA VAL D 105 9.35 31.37 -0.45
C VAL D 105 9.05 32.73 0.17
N TYR D 106 8.82 33.76 -0.66
CA TYR D 106 8.62 35.17 -0.25
C TYR D 106 7.48 35.25 0.76
N ILE D 107 6.39 34.48 0.60
CA ILE D 107 5.20 34.53 1.52
C ILE D 107 5.50 33.86 2.87
N THR D 108 6.55 33.03 2.97
CA THR D 108 7.02 32.50 4.28
C THR D 108 7.91 33.56 4.91
N ASP D 109 8.26 34.59 4.16
CA ASP D 109 9.08 35.73 4.62
C ASP D 109 10.50 35.19 4.85
N ASP D 110 10.95 34.29 4.01
CA ASP D 110 12.32 33.69 4.11
C ASP D 110 12.50 32.86 5.40
N THR D 111 11.42 32.41 6.02
CA THR D 111 11.47 31.37 7.09
C THR D 111 12.27 30.15 6.59
N TYR D 112 12.12 29.76 5.32
CA TYR D 112 12.74 28.56 4.66
C TYR D 112 13.32 28.89 3.27
N THR D 113 14.26 28.06 2.83
CA THR D 113 14.98 28.23 1.56
C THR D 113 14.16 27.62 0.42
N LYS D 114 14.60 27.89 -0.82
CA LYS D 114 14.10 27.27 -2.07
C LYS D 114 14.33 25.76 -1.98
N LYS D 115 15.58 25.35 -1.70
CA LYS D 115 15.99 23.96 -1.32
C LYS D 115 14.97 23.33 -0.37
N GLN D 116 14.70 23.95 0.77
CA GLN D 116 13.76 23.40 1.79
C GLN D 116 12.39 23.16 1.16
N VAL D 117 11.87 24.15 0.44
CA VAL D 117 10.52 24.02 -0.19
C VAL D 117 10.56 22.91 -1.25
N LEU D 118 11.61 22.83 -2.05
CA LEU D 118 11.68 21.85 -3.17
C LEU D 118 11.90 20.46 -2.61
N ARG D 119 12.71 20.35 -1.56
CA ARG D 119 13.03 19.06 -0.92
C ARG D 119 11.76 18.56 -0.20
N MET D 120 10.90 19.43 0.29
CA MET D 120 9.66 19.04 1.01
C MET D 120 8.59 18.60 -0.02
N GLU D 121 8.56 19.21 -1.19
CA GLU D 121 7.60 18.83 -2.26
C GLU D 121 7.85 17.36 -2.63
N HIS D 122 9.10 17.03 -2.96
CA HIS D 122 9.60 15.65 -3.23
C HIS D 122 9.10 14.76 -2.10
N LEU D 123 9.28 15.16 -0.84
CA LEU D 123 8.90 14.31 0.34
C LEU D 123 7.38 14.12 0.39
N VAL D 124 6.61 15.16 0.08
CA VAL D 124 5.12 15.14 0.19
C VAL D 124 4.55 14.23 -0.91
N LEU D 125 5.19 14.22 -2.07
CA LEU D 125 4.78 13.33 -3.19
C LEU D 125 5.01 11.88 -2.74
N LYS D 126 6.18 11.60 -2.16
CA LYS D 126 6.58 10.22 -1.76
C LYS D 126 5.57 9.70 -0.73
N VAL D 127 5.25 10.49 0.28
CA VAL D 127 4.33 10.06 1.36
C VAL D 127 2.91 9.87 0.78
N LEU D 128 2.53 10.64 -0.23
CA LEU D 128 1.17 10.62 -0.81
C LEU D 128 1.17 9.62 -1.97
N THR D 129 2.35 9.09 -2.31
CA THR D 129 2.54 8.10 -3.42
C THR D 129 1.90 8.69 -4.69
N PHE D 130 2.18 9.97 -4.96
CA PHE D 130 1.78 10.75 -6.16
C PHE D 130 0.26 10.74 -6.39
N ASP D 131 -0.54 10.33 -5.42
CA ASP D 131 -2.02 10.45 -5.51
C ASP D 131 -2.44 11.87 -5.11
N LEU D 132 -2.68 12.77 -6.09
CA LEU D 132 -3.07 14.19 -5.86
C LEU D 132 -4.51 14.49 -6.27
N ALA D 133 -5.13 13.65 -7.07
CA ALA D 133 -6.47 13.89 -7.66
C ALA D 133 -7.59 13.52 -6.63
N ALA D 134 -7.54 14.10 -5.45
CA ALA D 134 -8.45 13.77 -4.35
C ALA D 134 -9.72 14.58 -4.51
N PRO D 135 -10.91 13.98 -4.26
CA PRO D 135 -12.17 14.74 -4.15
C PRO D 135 -12.25 15.70 -2.95
N THR D 136 -12.69 16.94 -3.19
CA THR D 136 -12.81 18.05 -2.20
C THR D 136 -14.29 18.36 -1.93
N VAL D 137 -14.55 19.18 -0.89
CA VAL D 137 -15.93 19.67 -0.51
C VAL D 137 -16.49 20.44 -1.71
N ASN D 138 -15.59 21.25 -2.29
CA ASN D 138 -15.85 22.14 -3.43
C ASN D 138 -16.34 21.28 -4.62
N GLN D 139 -15.67 20.15 -4.92
CA GLN D 139 -16.00 19.32 -6.10
C GLN D 139 -17.46 18.89 -5.99
N PHE D 140 -17.91 18.52 -4.80
CA PHE D 140 -19.26 17.96 -4.58
C PHE D 140 -20.28 19.10 -4.61
N LEU D 141 -19.95 20.23 -4.00
CA LEU D 141 -20.81 21.44 -3.95
C LEU D 141 -21.22 21.86 -5.37
N THR D 142 -20.25 21.96 -6.30
CA THR D 142 -20.44 22.43 -7.71
C THR D 142 -21.38 21.49 -8.45
N GLN D 143 -21.36 20.22 -8.11
CA GLN D 143 -22.37 19.25 -8.59
C GLN D 143 -23.74 19.53 -7.97
N TYR D 144 -23.79 19.77 -6.66
CA TYR D 144 -25.04 20.02 -5.89
C TYR D 144 -25.74 21.27 -6.43
N PHE D 145 -24.98 22.25 -6.93
CA PHE D 145 -25.48 23.58 -7.38
C PHE D 145 -26.37 23.45 -8.62
N LEU D 146 -26.18 22.42 -9.45
CA LEU D 146 -26.95 22.25 -10.70
C LEU D 146 -28.39 21.84 -10.38
N HIS D 147 -28.73 21.56 -9.11
CA HIS D 147 -30.07 21.06 -8.69
C HIS D 147 -30.97 22.21 -8.19
N GLN D 148 -30.48 23.43 -8.10
CA GLN D 148 -31.28 24.55 -7.53
C GLN D 148 -32.55 24.72 -8.38
N ALA D 151 -30.86 29.18 -10.40
CA ALA D 151 -29.55 29.44 -9.73
C ALA D 151 -29.73 30.56 -8.70
N ASN D 152 -29.12 30.45 -7.53
CA ASN D 152 -29.10 31.55 -6.51
C ASN D 152 -27.64 31.82 -6.11
N CYS D 153 -27.05 32.88 -6.63
CA CYS D 153 -25.61 33.23 -6.45
C CYS D 153 -25.30 33.50 -4.97
N LYS D 154 -26.29 33.89 -4.17
CA LYS D 154 -26.13 34.10 -2.71
C LYS D 154 -25.95 32.73 -2.05
N VAL D 155 -26.88 31.81 -2.31
CA VAL D 155 -26.80 30.41 -1.79
C VAL D 155 -25.41 29.84 -2.11
N GLU D 156 -24.91 30.04 -3.33
CA GLU D 156 -23.66 29.41 -3.83
C GLU D 156 -22.46 29.94 -3.04
N SER D 157 -22.35 31.25 -2.84
CA SER D 157 -21.23 31.91 -2.11
C SER D 157 -21.28 31.52 -0.62
N LEU D 158 -22.48 31.32 -0.07
CA LEU D 158 -22.67 30.99 1.35
C LEU D 158 -22.24 29.53 1.61
N ALA D 159 -22.78 28.59 0.82
CA ALA D 159 -22.46 27.14 0.88
C ALA D 159 -20.95 26.96 0.71
N MET D 160 -20.35 27.68 -0.25
CA MET D 160 -18.88 27.72 -0.41
C MET D 160 -18.30 28.21 0.91
N PHE D 161 -18.71 29.41 1.36
CA PHE D 161 -18.27 30.01 2.65
C PHE D 161 -18.30 28.93 3.75
N LEU D 162 -19.45 28.27 3.93
CA LEU D 162 -19.68 27.24 4.98
C LEU D 162 -18.73 26.06 4.79
N GLY D 163 -18.54 25.67 3.55
CA GLY D 163 -17.59 24.62 3.19
C GLY D 163 -16.15 24.94 3.57
N GLU D 164 -15.70 26.20 3.46
CA GLU D 164 -14.30 26.60 3.82
C GLU D 164 -14.12 26.57 5.34
N LEU D 165 -15.17 26.88 6.10
CA LEU D 165 -15.09 27.06 7.58
C LEU D 165 -14.55 25.76 8.17
N SER D 166 -14.93 24.63 7.59
CA SER D 166 -14.63 23.26 8.11
C SER D 166 -13.17 22.93 7.89
N LEU D 167 -12.54 23.59 6.92
CA LEU D 167 -11.11 23.36 6.61
C LEU D 167 -10.30 23.79 7.82
N ILE D 168 -10.84 24.72 8.60
CA ILE D 168 -10.11 25.37 9.74
C ILE D 168 -10.05 24.37 10.90
N ASP D 169 -11.13 23.63 11.10
CA ASP D 169 -11.38 22.91 12.36
C ASP D 169 -11.25 21.40 12.14
N ALA D 170 -10.06 20.84 12.32
CA ALA D 170 -9.87 19.37 12.33
C ALA D 170 -11.00 18.70 13.16
N ASP D 171 -11.19 19.16 14.40
CA ASP D 171 -12.31 18.74 15.29
C ASP D 171 -13.48 19.69 15.07
N PRO D 172 -14.65 19.18 14.61
CA PRO D 172 -14.84 17.78 14.28
C PRO D 172 -15.00 17.41 12.80
N TYR D 173 -14.61 18.28 11.87
CA TYR D 173 -14.86 18.05 10.43
C TYR D 173 -14.18 16.80 9.84
N LEU D 174 -12.97 16.47 10.24
CA LEU D 174 -12.27 15.26 9.72
C LEU D 174 -13.21 14.05 9.85
N LYS D 175 -14.02 14.02 10.90
CA LYS D 175 -14.96 12.91 11.19
C LYS D 175 -16.06 12.86 10.12
N TYR D 176 -16.03 13.70 9.08
CA TYR D 176 -17.08 13.75 8.05
C TYR D 176 -16.46 13.67 6.64
N LEU D 177 -17.10 12.89 5.75
CA LEU D 177 -16.74 12.74 4.33
C LEU D 177 -17.03 14.03 3.60
N PRO D 178 -16.15 14.47 2.66
CA PRO D 178 -16.39 15.66 1.83
C PRO D 178 -17.82 15.80 1.25
N SER D 179 -18.36 14.70 0.71
CA SER D 179 -19.71 14.63 0.10
C SER D 179 -20.77 15.01 1.12
N VAL D 180 -20.57 14.61 2.40
CA VAL D 180 -21.53 14.86 3.53
C VAL D 180 -21.41 16.34 3.92
N ILE D 181 -20.18 16.80 4.16
CA ILE D 181 -19.91 18.22 4.56
C ILE D 181 -20.56 19.13 3.52
N ALA D 182 -20.35 18.86 2.23
CA ALA D 182 -20.97 19.64 1.14
C ALA D 182 -22.50 19.59 1.26
N GLY D 183 -23.04 18.49 1.80
CA GLY D 183 -24.48 18.28 1.91
C GLY D 183 -25.05 19.26 2.92
N ALA D 184 -24.39 19.31 4.07
CA ALA D 184 -24.68 20.24 5.20
C ALA D 184 -24.61 21.68 4.70
N ALA D 185 -23.51 22.03 4.03
CA ALA D 185 -23.18 23.40 3.59
C ALA D 185 -24.26 23.91 2.62
N PHE D 186 -24.84 23.04 1.78
CA PHE D 186 -25.80 23.45 0.73
C PHE D 186 -27.17 23.71 1.38
N HIS D 187 -27.67 22.74 2.14
CA HIS D 187 -28.97 22.82 2.84
C HIS D 187 -28.98 24.08 3.70
N LEU D 188 -27.93 24.24 4.54
CA LEU D 188 -27.78 25.36 5.51
C LEU D 188 -27.73 26.69 4.76
N ALA D 189 -26.99 26.76 3.65
CA ALA D 189 -26.88 27.94 2.78
C ALA D 189 -28.24 28.26 2.15
N LEU D 190 -28.95 27.23 1.67
CA LEU D 190 -30.25 27.42 0.98
C LEU D 190 -31.29 27.79 2.05
N TYR D 191 -31.33 27.10 3.17
CA TYR D 191 -32.33 27.36 4.23
C TYR D 191 -32.17 28.80 4.73
N THR D 192 -30.93 29.25 4.87
CA THR D 192 -30.54 30.59 5.39
C THR D 192 -31.04 31.71 4.46
N VAL D 193 -31.02 31.50 3.14
CA VAL D 193 -31.23 32.57 2.13
C VAL D 193 -32.70 32.54 1.67
N THR D 194 -33.23 31.34 1.44
CA THR D 194 -34.50 31.12 0.73
C THR D 194 -35.54 30.52 1.68
N GLY D 195 -35.13 29.73 2.67
CA GLY D 195 -36.06 28.97 3.53
C GLY D 195 -36.29 27.54 3.03
N GLN D 196 -35.82 27.23 1.83
CA GLN D 196 -35.95 25.87 1.23
C GLN D 196 -34.96 24.93 1.91
N SER D 197 -35.02 23.63 1.61
CA SER D 197 -34.10 22.65 2.25
C SER D 197 -33.54 21.68 1.19
N TRP D 198 -32.85 20.64 1.66
CA TRP D 198 -32.23 19.57 0.82
C TRP D 198 -33.21 19.15 -0.28
N PRO D 199 -32.90 19.40 -1.58
CA PRO D 199 -33.79 19.04 -2.68
C PRO D 199 -33.98 17.53 -2.86
N GLU D 200 -35.19 17.12 -3.25
CA GLU D 200 -35.53 15.70 -3.46
C GLU D 200 -34.52 15.13 -4.46
N SER D 201 -34.19 15.88 -5.54
CA SER D 201 -33.33 15.41 -6.66
C SER D 201 -31.95 15.00 -6.11
N LEU D 202 -31.45 15.72 -5.08
CA LEU D 202 -30.12 15.45 -4.44
C LEU D 202 -30.26 14.27 -3.47
N ILE D 203 -31.44 14.06 -2.87
CA ILE D 203 -31.71 12.84 -2.03
C ILE D 203 -31.52 11.60 -2.93
N ARG D 204 -32.00 11.67 -4.17
CA ARG D 204 -31.87 10.57 -5.17
C ARG D 204 -30.41 10.44 -5.59
N LYS D 205 -29.79 11.54 -6.03
CA LYS D 205 -28.38 11.55 -6.51
C LYS D 205 -27.44 10.97 -5.44
N THR D 206 -27.61 11.34 -4.16
CA THR D 206 -26.61 11.15 -3.08
C THR D 206 -27.00 10.03 -2.10
N GLY D 207 -28.30 9.79 -1.91
CA GLY D 207 -28.82 8.82 -0.93
C GLY D 207 -28.90 9.42 0.47
N TYR D 208 -28.56 10.69 0.65
CA TYR D 208 -28.56 11.42 1.94
C TYR D 208 -29.94 12.05 2.19
N THR D 209 -30.62 11.65 3.26
CA THR D 209 -31.83 12.38 3.77
C THR D 209 -31.33 13.48 4.72
N LEU D 210 -32.15 14.51 4.95
CA LEU D 210 -31.83 15.50 6.01
C LEU D 210 -31.48 14.75 7.30
N GLU D 211 -32.17 13.67 7.61
CA GLU D 211 -31.92 12.83 8.81
C GLU D 211 -30.45 12.40 8.85
N SER D 212 -29.85 11.99 7.72
CA SER D 212 -28.45 11.48 7.66
C SER D 212 -27.46 12.65 7.81
N LEU D 213 -27.83 13.83 7.34
CA LEU D 213 -27.00 15.06 7.38
C LEU D 213 -27.09 15.77 8.74
N LYS D 214 -28.03 15.38 9.62
CA LYS D 214 -28.31 16.06 10.92
C LYS D 214 -27.03 16.25 11.70
N PRO D 215 -26.25 15.19 12.06
CA PRO D 215 -25.03 15.35 12.86
C PRO D 215 -24.00 16.35 12.31
N CYS D 216 -23.72 16.33 11.00
CA CYS D 216 -22.79 17.29 10.34
C CYS D 216 -23.41 18.70 10.38
N LEU D 217 -24.73 18.80 10.18
CA LEU D 217 -25.49 20.08 10.19
C LEU D 217 -25.42 20.76 11.57
N MET D 218 -25.50 19.94 12.63
CA MET D 218 -25.43 20.40 14.03
C MET D 218 -24.11 21.11 14.25
N ASP D 219 -22.99 20.41 13.97
CA ASP D 219 -21.61 20.92 14.16
C ASP D 219 -21.43 22.17 13.28
N LEU D 220 -21.79 22.07 12.01
CA LEU D 220 -21.61 23.16 11.01
C LEU D 220 -22.43 24.38 11.40
N HIS D 221 -23.64 24.16 11.95
CA HIS D 221 -24.54 25.23 12.47
C HIS D 221 -23.87 26.03 13.61
N GLN D 222 -23.28 25.36 14.60
CA GLN D 222 -22.54 25.99 15.73
C GLN D 222 -21.38 26.80 15.16
N THR D 223 -20.65 26.20 14.24
CA THR D 223 -19.47 26.81 13.59
C THR D 223 -19.90 28.14 12.98
N TYR D 224 -21.03 28.14 12.26
CA TYR D 224 -21.56 29.34 11.54
C TYR D 224 -21.99 30.37 12.59
N LEU D 225 -22.59 29.91 13.68
CA LEU D 225 -23.08 30.80 14.75
C LEU D 225 -21.87 31.49 15.38
N LYS D 226 -20.89 30.71 15.81
CA LYS D 226 -19.70 31.20 16.56
C LYS D 226 -18.61 31.73 15.60
N ALA D 227 -18.95 32.02 14.34
CA ALA D 227 -17.97 32.29 13.26
C ALA D 227 -17.20 33.59 13.53
N PRO D 228 -17.85 34.67 14.02
CA PRO D 228 -17.19 35.98 14.20
C PRO D 228 -16.34 36.08 15.50
N GLN D 229 -16.45 35.08 16.39
CA GLN D 229 -15.65 34.96 17.62
C GLN D 229 -14.48 33.98 17.44
N HIS D 230 -14.48 33.13 16.39
CA HIS D 230 -13.35 32.21 16.07
C HIS D 230 -12.07 33.06 16.04
N ALA D 231 -10.95 32.57 16.53
CA ALA D 231 -9.66 33.31 16.44
C ALA D 231 -9.33 33.53 14.95
N GLN D 232 -9.70 32.56 14.11
CA GLN D 232 -9.49 32.54 12.62
C GLN D 232 -10.61 33.28 11.88
N GLN D 233 -10.21 34.21 11.02
CA GLN D 233 -11.14 35.23 10.47
C GLN D 233 -10.87 35.51 8.99
N SER D 234 -9.82 34.96 8.40
CA SER D 234 -9.47 35.23 6.99
C SER D 234 -10.63 34.83 6.06
N ILE D 235 -11.38 33.79 6.41
CA ILE D 235 -12.49 33.25 5.56
C ILE D 235 -13.63 34.27 5.49
N ARG D 236 -13.93 34.93 6.61
CA ARG D 236 -14.97 35.98 6.74
C ARG D 236 -14.56 37.24 5.98
N GLU D 237 -13.31 37.67 6.14
CA GLU D 237 -12.67 38.74 5.33
C GLU D 237 -12.81 38.44 3.82
N LYS D 238 -12.50 37.20 3.38
CA LYS D 238 -12.54 36.74 1.96
C LYS D 238 -13.98 36.84 1.46
N TYR D 239 -14.96 36.36 2.25
CA TYR D 239 -16.38 36.28 1.81
C TYR D 239 -17.17 37.55 2.18
N LYS D 240 -16.45 38.66 2.35
CA LYS D 240 -17.03 40.00 2.63
C LYS D 240 -17.05 40.78 1.31
N ASN D 241 -16.17 40.43 0.36
CA ASN D 241 -16.06 41.04 -1.00
C ASN D 241 -17.42 40.89 -1.72
N SER D 242 -17.71 41.76 -2.69
CA SER D 242 -18.89 41.68 -3.58
C SER D 242 -18.72 40.45 -4.46
N LYS D 243 -17.48 40.06 -4.72
CA LYS D 243 -17.14 38.78 -5.42
C LYS D 243 -18.08 37.67 -4.92
N TYR D 244 -18.13 37.48 -3.58
CA TYR D 244 -18.94 36.41 -2.94
C TYR D 244 -20.23 36.99 -2.33
N HIS D 245 -20.65 38.18 -2.81
CA HIS D 245 -21.94 38.87 -2.44
C HIS D 245 -21.96 39.21 -0.94
N GLY D 246 -20.80 39.50 -0.34
CA GLY D 246 -20.62 39.76 1.11
C GLY D 246 -21.54 38.91 1.98
N VAL D 247 -21.48 37.60 1.81
CA VAL D 247 -22.42 36.64 2.47
C VAL D 247 -22.01 36.42 3.93
N SER D 248 -20.77 36.74 4.32
CA SER D 248 -20.28 36.57 5.72
C SER D 248 -21.00 37.55 6.67
N LEU D 249 -21.59 38.61 6.11
CA LEU D 249 -22.31 39.68 6.86
C LEU D 249 -23.74 39.20 7.14
N LEU D 250 -24.26 38.21 6.40
CA LEU D 250 -25.64 37.67 6.57
C LEU D 250 -25.86 37.20 8.01
N ASN D 251 -27.07 37.42 8.54
CA ASN D 251 -27.47 36.96 9.92
C ASN D 251 -27.81 35.47 9.91
N PRO D 252 -27.00 34.60 10.54
CA PRO D 252 -27.32 33.17 10.56
C PRO D 252 -28.73 32.90 11.08
N PRO D 253 -29.30 31.71 10.77
CA PRO D 253 -30.50 31.25 11.49
C PRO D 253 -30.14 30.92 12.95
N GLU D 254 -31.16 30.81 13.81
CA GLU D 254 -30.98 30.57 15.28
C GLU D 254 -31.38 29.12 15.58
N THR D 255 -32.49 28.65 15.02
CA THR D 255 -32.81 27.20 14.87
C THR D 255 -33.04 26.89 13.38
N LEU D 256 -32.88 25.61 13.03
CA LEU D 256 -33.24 25.05 11.69
C LEU D 256 -34.60 24.34 11.77
N ASN D 257 -35.16 24.20 12.97
CA ASN D 257 -36.48 23.60 13.23
C ASN D 257 -36.52 22.26 12.49
N LEU D 258 -35.60 21.34 12.84
CA LEU D 258 -35.52 19.93 12.33
C LEU D 258 -36.36 19.02 13.24
FAO T1T E . 22.19 -3.28 17.68
CAN T1T E . 22.03 -2.29 18.56
FAP T1T E . 21.65 -1.19 17.92
FAQ T1T E . 23.17 -2.07 19.18
CAM T1T E . 20.92 -2.69 19.60
NAL T1T E . 21.02 -3.87 20.15
NAK T1T E . 20.04 -4.06 20.98
CAJ T1T E . 19.30 -3.00 20.98
CAI T1T E . 19.78 -2.15 20.12
CAH T1T E . 19.10 -1.00 20.06
NAR T1T E . 18.02 -0.78 19.32
CAS T1T E . 17.37 0.40 19.35
CAT T1T E . 16.28 0.62 18.54
CAU T1T E . 15.62 1.83 18.63
CAV T1T E . 16.02 2.77 19.46
NAW T1T E . 15.54 3.99 19.68
NAX T1T E . 16.27 4.57 20.58
CAY T1T E . 17.20 3.70 20.94
CAZ T1T E . 17.05 2.58 20.25
CBA T1T E . 17.74 1.42 20.21
CAE T1T E . 18.83 1.18 21.02
CAF T1T E . 19.47 -0.04 20.94
CAG T1T E . 20.63 -0.31 21.80
SAB T1T E . 21.86 0.95 21.10
OAA T1T E . 23.00 0.86 22.08
CAC T1T E . 20.76 2.51 21.53
CAD T1T E . 19.34 2.10 21.91
N NO3 F . 10.88 9.19 8.74
O1 NO3 F . 11.32 8.56 7.80
O2 NO3 F . 9.53 9.05 9.10
O3 NO3 F . 11.71 10.06 9.46
S SO4 G . 8.96 7.96 3.45
O1 SO4 G . 9.43 6.67 2.99
O2 SO4 G . 8.45 8.69 2.31
O3 SO4 G . 7.90 7.77 4.42
O4 SO4 G . 10.04 8.71 4.03
FAO T1T H . 8.06 11.42 -26.60
CAN T1T H . 7.30 11.37 -25.51
FAP T1T H . 7.40 12.50 -24.84
FAQ T1T H . 7.70 10.35 -24.75
CAM T1T H . 5.87 11.15 -25.91
NAL T1T H . 5.14 12.19 -26.26
NAK T1T H . 3.93 11.74 -26.56
CAJ T1T H . 3.92 10.42 -26.38
CAI T1T H . 5.12 10.04 -25.95
CAH T1T H . 5.30 8.73 -25.76
NAR T1T H . 5.06 8.04 -24.62
CAS T1T H . 5.24 6.68 -24.56
CAT T1T H . 5.01 6.04 -23.36
CAU T1T H . 5.14 4.66 -23.33
CAV T1T H . 5.50 3.95 -24.42
NAW T1T H . 5.68 2.63 -24.57
NAX T1T H . 6.06 2.38 -25.81
CAY T1T H . 6.07 3.54 -26.45
CAZ T1T H . 5.74 4.55 -25.59
CBA T1T H . 5.62 5.91 -25.69
CAE T1T H . 5.82 6.64 -26.88
CAF T1T H . 5.62 8.03 -26.91
CAG T1T H . 5.91 8.81 -28.21
SAB T1T H . 7.82 8.49 -28.17
OAA T1T H . 8.42 9.04 -29.43
CAC T1T H . 7.54 6.59 -28.54
CAD T1T H . 6.17 6.05 -28.12
N NO3 I . 9.69 -2.55 -13.70
O1 NO3 I . 10.45 -2.80 -14.62
O2 NO3 I . 10.07 -1.62 -12.72
O3 NO3 I . 8.47 -3.21 -13.61
C1 SGM J . -5.65 7.99 -2.64
C2 SGM J . -6.24 7.29 -3.85
O2 SGM J . -6.19 5.87 -3.65
C3 SGM J . -5.43 7.65 -5.09
O3 SGM J . -5.68 6.68 -6.12
S1 SGM J . -5.78 9.80 -2.76
#